data_6MNS
#
_entry.id   6MNS
#
_cell.length_a   46.920
_cell.length_b   138.315
_cell.length_c   71.678
_cell.angle_alpha   90.00
_cell.angle_beta   91.55
_cell.angle_gamma   90.00
#
_symmetry.space_group_name_H-M   'P 1 21 1'
#
loop_
_entity.id
_entity.type
_entity.pdbx_description
1 polymer 'Envelope glylcoprotein'
2 polymer 'Ab DH753 heavy chain Fab fragment'
3 polymer 'Ab DH753 light chain'
4 non-polymer 'PHOSPHATE ION'
5 water water
#
loop_
_entity_poly.entity_id
_entity_poly.type
_entity_poly.pdbx_seq_one_letter_code
_entity_poly.pdbx_strand_id
1 'polypeptide(L)' YNKRKRIHIGPGRAFYTTKNIIG P,Q
2 'polypeptide(L)'
;EVHLVESGGGLVQPGGSLRLSCEVSGLTFSNSWMSWVRQAPGKGLEWVGFIKTKADGGTAAYAESVKGRFTISRDDSKNT
VFLQMKSLKTEDTAVYYCQGAVVISHEYIEIWGQGALVTVSSASTKGPSVFPLAPSSRSTSESTAALGCLVKDYFPEPVT
VSWNSGSLTSGVHTFPAVLQSSGLYSLSSVVTVPSSSLGTQTYVCNVNHKPSNTKVDKRVEIKTCGG
;
H,A
3 'polypeptide(L)'
;QSVLTQPPSASEAARKSVTISCSGGSSNIGDDSVSWYQQVPGTAPKLLIYYNDRRASGVSDRFSGSKSGTSASLAINGLQ
SEDEADYYCAAWDDSLSAYIFGSGTRLTVLGQPKASPTVTLFPPSSEELQANKATLVCLISDFYPGVVKVAWKADGSAVN
AGVETTTPSKQSNNKYAASSYLSLTSDQWKSHKSYSCQVTHEGSTVEKTVAPAECS
;
L,B
#
loop_
_chem_comp.id
_chem_comp.type
_chem_comp.name
_chem_comp.formula
PO4 non-polymer 'PHOSPHATE ION' 'O4 P -3'
#
# COMPACT_ATOMS: atom_id res chain seq x y z
N ARG A 6 14.89 -10.01 -20.22
CA ARG A 6 14.38 -8.94 -21.09
C ARG A 6 13.16 -8.30 -20.45
N ILE A 7 13.31 -7.04 -20.03
CA ILE A 7 12.31 -6.39 -19.22
C ILE A 7 11.43 -5.41 -20.01
N HIS A 8 10.11 -5.59 -19.90
CA HIS A 8 9.19 -4.67 -20.54
C HIS A 8 8.41 -3.93 -19.50
N ILE A 9 7.98 -2.72 -19.87
CA ILE A 9 7.35 -1.77 -18.94
C ILE A 9 6.18 -1.04 -19.59
N GLY A 10 5.08 -0.86 -18.86
CA GLY A 10 3.98 -0.03 -19.31
C GLY A 10 3.00 -0.69 -20.27
N PRO A 11 1.94 0.04 -20.63
CA PRO A 11 0.91 -0.47 -21.54
C PRO A 11 1.40 -0.58 -22.99
N GLY A 12 2.46 0.14 -23.32
CA GLY A 12 3.05 -0.01 -24.63
C GLY A 12 4.11 -1.08 -24.59
N ARG A 13 4.26 -1.69 -23.42
CA ARG A 13 5.32 -2.67 -23.15
C ARG A 13 6.65 -2.31 -23.80
N ALA A 14 7.26 -1.21 -23.35
CA ALA A 14 8.55 -0.75 -23.84
C ALA A 14 9.74 -1.61 -23.39
N PHE A 15 10.78 -1.68 -24.22
CA PHE A 15 11.99 -2.40 -23.82
C PHE A 15 12.86 -1.51 -22.92
N TYR A 16 13.22 -2.03 -21.74
CA TYR A 16 13.87 -1.22 -20.70
C TYR A 16 15.27 -1.73 -20.22
N THR A 17 15.39 -3.01 -19.83
CA THR A 17 16.69 -3.62 -19.41
C THR A 17 16.68 -5.15 -19.67
N THR A 18 17.84 -5.81 -19.67
CA THR A 18 17.90 -7.27 -19.55
C THR A 18 18.36 -7.68 -18.15
N LYS A 19 17.85 -8.81 -17.67
CA LYS A 19 18.05 -9.27 -16.29
C LYS A 19 17.74 -8.14 -15.31
N GLU B 1 7.08 19.31 -21.71
CA GLU B 1 7.35 19.69 -23.09
C GLU B 1 6.55 18.80 -24.08
N VAL B 2 6.40 17.52 -23.74
CA VAL B 2 5.70 16.51 -24.57
C VAL B 2 4.17 16.67 -24.59
N HIS B 3 3.56 16.46 -25.76
CA HIS B 3 2.10 16.45 -25.85
C HIS B 3 1.51 15.35 -26.75
N LEU B 4 0.42 14.73 -26.29
CA LEU B 4 -0.33 13.75 -27.09
C LEU B 4 -1.74 14.26 -27.34
N VAL B 5 -2.04 14.60 -28.58
CA VAL B 5 -3.33 15.21 -28.93
C VAL B 5 -4.23 14.28 -29.75
N GLU B 6 -5.26 13.75 -29.11
CA GLU B 6 -6.17 12.83 -29.78
C GLU B 6 -7.47 13.50 -30.26
N SER B 7 -8.19 12.82 -31.14
CA SER B 7 -9.34 13.41 -31.83
C SER B 7 -10.05 12.36 -32.66
N GLY B 8 -11.11 12.79 -33.33
CA GLY B 8 -11.98 11.87 -34.03
C GLY B 8 -13.05 11.27 -33.14
N GLY B 9 -13.17 11.79 -31.92
CA GLY B 9 -14.17 11.31 -30.97
C GLY B 9 -15.54 11.70 -31.46
N GLY B 10 -16.56 11.09 -30.89
CA GLY B 10 -17.91 11.48 -31.26
C GLY B 10 -18.98 10.44 -30.97
N LEU B 11 -20.02 10.48 -31.76
CA LEU B 11 -21.17 9.63 -31.56
C LEU B 11 -21.30 8.70 -32.75
N VAL B 12 -21.63 7.45 -32.48
CA VAL B 12 -21.77 6.49 -33.54
C VAL B 12 -22.76 5.40 -33.11
N GLN B 13 -23.66 5.05 -34.02
CA GLN B 13 -24.71 4.09 -33.70
C GLN B 13 -24.14 2.70 -33.46
N PRO B 14 -24.85 1.88 -32.68
CA PRO B 14 -24.42 0.48 -32.50
C PRO B 14 -24.26 -0.19 -33.85
N GLY B 15 -23.13 -0.88 -34.02
CA GLY B 15 -22.79 -1.53 -35.27
C GLY B 15 -21.82 -0.69 -36.11
N GLY B 16 -21.64 0.56 -35.70
CA GLY B 16 -20.94 1.52 -36.52
C GLY B 16 -19.42 1.43 -36.46
N SER B 17 -18.77 2.41 -37.09
CA SER B 17 -17.31 2.43 -37.19
C SER B 17 -16.77 3.81 -36.84
N LEU B 18 -15.51 3.88 -36.42
CA LEU B 18 -14.95 5.14 -35.98
C LEU B 18 -13.43 5.07 -35.90
N ARG B 19 -12.76 6.19 -36.12
CA ARG B 19 -11.30 6.23 -36.12
C ARG B 19 -10.80 7.31 -35.18
N LEU B 20 -10.01 6.92 -34.20
CA LEU B 20 -9.33 7.91 -33.38
C LEU B 20 -7.90 8.14 -33.86
N SER B 21 -7.48 9.39 -33.78
CA SER B 21 -6.11 9.79 -34.10
C SER B 21 -5.46 10.29 -32.84
N CYS B 22 -4.19 9.95 -32.64
CA CYS B 22 -3.40 10.55 -31.58
C CYS B 22 -2.13 11.08 -32.20
N GLU B 23 -1.98 12.39 -32.13
CA GLU B 23 -0.88 13.09 -32.76
C GLU B 23 0.13 13.48 -31.72
N VAL B 24 1.36 13.01 -31.89
CA VAL B 24 2.39 13.18 -30.88
C VAL B 24 3.48 14.20 -31.25
N SER B 25 3.59 15.29 -30.50
CA SER B 25 4.72 16.20 -30.70
C SER B 25 5.65 16.22 -29.49
N GLY B 26 6.85 16.77 -29.68
CA GLY B 26 7.86 16.77 -28.65
C GLY B 26 8.34 15.36 -28.33
N LEU B 27 8.22 14.46 -29.29
CA LEU B 27 8.66 13.10 -29.08
C LEU B 27 9.16 12.50 -30.38
N THR B 28 10.25 11.74 -30.32
CA THR B 28 10.71 10.99 -31.48
C THR B 28 9.75 9.82 -31.66
N PHE B 29 8.76 10.01 -32.53
CA PHE B 29 7.66 9.08 -32.71
C PHE B 29 8.15 7.71 -33.15
N SER B 30 9.18 7.73 -34.00
CA SER B 30 9.88 6.55 -34.47
C SER B 30 10.15 5.55 -33.34
N ASN B 31 10.70 6.06 -32.25
CA ASN B 31 11.13 5.22 -31.13
C ASN B 31 10.13 5.14 -29.99
N SER B 32 8.87 5.49 -30.26
CA SER B 32 7.85 5.51 -29.21
C SER B 32 6.91 4.32 -29.26
N TRP B 33 6.79 3.64 -28.13
CA TRP B 33 5.83 2.59 -27.98
C TRP B 33 4.47 3.21 -27.70
N MET B 34 3.51 3.01 -28.61
CA MET B 34 2.17 3.60 -28.51
C MET B 34 1.12 2.59 -28.03
N SER B 35 0.22 3.04 -27.15
CA SER B 35 -0.84 2.18 -26.67
C SER B 35 -2.12 2.95 -26.39
N TRP B 36 -3.20 2.21 -26.17
CA TRP B 36 -4.47 2.82 -25.82
C TRP B 36 -5.11 2.20 -24.59
N VAL B 37 -5.54 3.06 -23.67
CA VAL B 37 -6.35 2.64 -22.55
C VAL B 37 -7.68 3.39 -22.58
N ARG B 38 -8.76 2.68 -22.26
CA ARG B 38 -10.08 3.32 -22.17
C ARG B 38 -10.68 3.29 -20.75
N GLN B 39 -11.54 4.28 -20.47
CA GLN B 39 -12.26 4.33 -19.21
C GLN B 39 -13.74 4.59 -19.45
N ALA B 40 -14.54 3.54 -19.31
CA ALA B 40 -15.99 3.66 -19.42
C ALA B 40 -16.59 4.51 -18.28
N PRO B 41 -17.67 5.26 -18.58
CA PRO B 41 -18.30 6.22 -17.67
C PRO B 41 -18.44 5.71 -16.23
N GLY B 42 -17.70 6.31 -15.32
CA GLY B 42 -17.73 5.97 -13.91
C GLY B 42 -17.11 4.64 -13.50
N LYS B 43 -16.21 4.10 -14.32
CA LYS B 43 -15.60 2.81 -14.01
C LYS B 43 -14.08 2.94 -13.97
N GLY B 44 -13.39 1.80 -13.85
CA GLY B 44 -11.93 1.78 -13.78
C GLY B 44 -11.27 1.76 -15.16
N LEU B 45 -9.96 1.52 -15.18
CA LEU B 45 -9.21 1.61 -16.44
C LEU B 45 -9.07 0.26 -17.16
N GLU B 46 -9.18 0.28 -18.49
CA GLU B 46 -9.02 -0.97 -19.23
C GLU B 46 -8.15 -0.81 -20.47
N TRP B 47 -7.11 -1.64 -20.53
CA TRP B 47 -6.16 -1.63 -21.63
C TRP B 47 -6.81 -2.15 -22.88
N VAL B 48 -6.65 -1.40 -23.95
CA VAL B 48 -7.21 -1.78 -25.23
C VAL B 48 -6.17 -2.53 -26.08
N GLY B 49 -4.97 -1.97 -26.18
CA GLY B 49 -3.90 -2.58 -26.94
C GLY B 49 -2.71 -1.67 -27.14
N PHE B 50 -1.68 -2.18 -27.81
CA PHE B 50 -0.50 -1.37 -28.07
C PHE B 50 0.05 -1.64 -29.46
N ILE B 51 0.96 -0.80 -29.92
CA ILE B 51 1.70 -1.11 -31.13
C ILE B 51 3.18 -0.85 -30.89
N LYS B 52 4.02 -1.75 -31.39
CA LYS B 52 5.45 -1.63 -31.22
C LYS B 52 6.01 -0.65 -32.23
N THR B 53 7.25 -0.24 -32.00
CA THR B 53 8.01 0.57 -32.92
C THR B 53 8.32 -0.19 -34.20
N LYS B 54 8.67 0.53 -35.25
CA LYS B 54 9.07 -0.09 -36.51
C LYS B 54 10.33 -0.97 -36.34
N ALA B 55 11.22 -0.59 -35.44
CA ALA B 55 12.48 -1.32 -35.26
C ALA B 55 12.25 -2.63 -34.56
N ASP B 56 11.10 -2.79 -33.91
CA ASP B 56 10.64 -4.10 -33.48
C ASP B 56 9.74 -4.67 -34.57
N GLY B 57 8.61 -5.24 -34.17
CA GLY B 57 7.69 -5.77 -35.15
C GLY B 57 6.95 -4.72 -35.96
N GLY B 58 6.53 -3.64 -35.30
CA GLY B 58 5.58 -2.70 -35.86
C GLY B 58 4.20 -3.25 -35.53
N THR B 59 4.20 -4.37 -34.83
CA THR B 59 3.00 -5.18 -34.62
C THR B 59 2.14 -4.74 -33.45
N ALA B 60 0.84 -5.03 -33.54
CA ALA B 60 -0.07 -4.70 -32.46
C ALA B 60 -0.55 -5.96 -31.73
N ALA B 61 -1.03 -5.77 -30.52
CA ALA B 61 -1.76 -6.80 -29.79
C ALA B 61 -2.92 -6.11 -29.09
N TYR B 62 -3.89 -6.90 -28.66
CA TYR B 62 -5.18 -6.36 -28.23
C TYR B 62 -5.73 -7.09 -27.02
N ALA B 63 -6.50 -6.34 -26.24
CA ALA B 63 -7.35 -6.93 -25.22
C ALA B 63 -8.33 -7.83 -25.93
N GLU B 64 -8.60 -8.99 -25.34
CA GLU B 64 -9.50 -9.99 -25.90
C GLU B 64 -10.91 -9.45 -26.18
N SER B 65 -11.38 -8.48 -25.40
CA SER B 65 -12.75 -7.99 -25.55
C SER B 65 -12.96 -7.13 -26.81
N VAL B 66 -11.87 -6.65 -27.40
CA VAL B 66 -11.91 -5.95 -28.70
C VAL B 66 -11.17 -6.67 -29.83
N LYS B 67 -10.52 -7.80 -29.53
CA LYS B 67 -9.71 -8.50 -30.53
C LYS B 67 -10.53 -8.68 -31.80
N GLY B 68 -9.99 -8.21 -32.91
CA GLY B 68 -10.62 -8.41 -34.22
C GLY B 68 -11.68 -7.41 -34.66
N ARG B 69 -12.03 -6.47 -33.78
CA ARG B 69 -12.96 -5.37 -34.11
C ARG B 69 -12.20 -4.06 -34.13
N PHE B 70 -11.08 -4.05 -33.42
CA PHE B 70 -10.27 -2.85 -33.24
C PHE B 70 -8.92 -3.00 -33.92
N THR B 71 -8.50 -2.01 -34.70
CA THR B 71 -7.15 -2.05 -35.25
C THR B 71 -6.31 -0.82 -34.86
N ILE B 72 -5.15 -1.06 -34.26
CA ILE B 72 -4.17 -0.01 -34.02
C ILE B 72 -3.18 -0.03 -35.16
N SER B 73 -2.86 1.14 -35.69
CA SER B 73 -1.83 1.25 -36.71
C SER B 73 -1.20 2.61 -36.51
N ARG B 74 -0.06 2.85 -37.18
CA ARG B 74 0.71 4.06 -36.99
C ARG B 74 1.26 4.59 -38.31
N ASP B 75 1.54 5.90 -38.35
CA ASP B 75 2.10 6.56 -39.52
C ASP B 75 3.30 7.44 -39.13
N ASP B 76 4.51 6.86 -39.17
CA ASP B 76 5.71 7.52 -38.68
C ASP B 76 6.01 8.82 -39.44
N SER B 77 5.63 8.86 -40.71
CA SER B 77 5.65 10.08 -41.49
C SER B 77 4.94 11.22 -40.76
N LYS B 78 3.71 10.94 -40.35
CA LYS B 78 2.76 11.94 -39.83
C LYS B 78 2.68 11.96 -38.28
N ASN B 79 3.64 11.32 -37.61
CA ASN B 79 3.69 11.33 -36.14
C ASN B 79 2.39 10.93 -35.45
N THR B 80 1.68 9.94 -35.97
CA THR B 80 0.32 9.68 -35.48
C THR B 80 0.04 8.20 -35.36
N VAL B 81 -0.62 7.81 -34.28
CA VAL B 81 -1.06 6.44 -34.11
C VAL B 81 -2.59 6.46 -34.26
N PHE B 82 -3.17 5.37 -34.75
CA PHE B 82 -4.60 5.31 -35.00
C PHE B 82 -5.23 4.15 -34.25
N LEU B 83 -6.46 4.38 -33.81
CA LEU B 83 -7.23 3.30 -33.23
C LEU B 83 -8.52 3.19 -34.03
N GLN B 84 -8.50 2.33 -35.04
CA GLN B 84 -9.68 2.07 -35.85
C GLN B 84 -10.67 1.15 -35.11
N MET B 85 -11.89 1.64 -34.91
CA MET B 85 -12.94 0.83 -34.32
C MET B 85 -14.01 0.47 -35.36
N LYS B 86 -14.34 -0.82 -35.44
CA LYS B 86 -15.48 -1.27 -36.24
C LYS B 86 -16.36 -2.15 -35.36
N SER B 87 -17.62 -2.34 -35.76
CA SER B 87 -18.56 -3.18 -35.02
C SER B 87 -18.72 -2.77 -33.54
N LEU B 88 -19.01 -1.50 -33.28
CA LEU B 88 -19.03 -1.01 -31.90
C LEU B 88 -20.30 -1.43 -31.12
N LYS B 89 -20.09 -1.79 -29.84
CA LYS B 89 -21.18 -2.03 -28.89
C LYS B 89 -21.36 -0.82 -27.95
N THR B 90 -22.48 -0.80 -27.23
CA THR B 90 -22.70 0.25 -26.24
C THR B 90 -21.63 0.14 -25.18
N GLU B 91 -21.26 -1.08 -24.85
CA GLU B 91 -20.24 -1.39 -23.84
C GLU B 91 -18.88 -0.79 -24.23
N ASP B 92 -18.78 -0.29 -25.46
CA ASP B 92 -17.57 0.35 -25.94
C ASP B 92 -17.58 1.86 -25.66
N THR B 93 -18.68 2.35 -25.11
CA THR B 93 -18.75 3.76 -24.74
C THR B 93 -17.80 4.07 -23.61
N ALA B 94 -16.83 4.92 -23.91
CA ALA B 94 -15.80 5.28 -22.96
C ALA B 94 -14.96 6.46 -23.43
N VAL B 95 -14.13 6.95 -22.53
CA VAL B 95 -13.08 7.89 -22.86
C VAL B 95 -11.87 7.07 -23.22
N TYR B 96 -11.38 7.24 -24.43
CA TYR B 96 -10.22 6.50 -24.91
C TYR B 96 -8.97 7.40 -24.77
N TYR B 97 -7.93 6.85 -24.16
CA TYR B 97 -6.68 7.57 -23.99
C TYR B 97 -5.59 6.84 -24.75
N CYS B 98 -4.70 7.57 -25.43
CA CYS B 98 -3.47 6.93 -25.91
C CYS B 98 -2.28 7.27 -25.00
N GLN B 99 -1.25 6.43 -25.07
CA GLN B 99 0.00 6.64 -24.35
C GLN B 99 1.18 6.55 -25.31
N GLY B 100 2.13 7.46 -25.15
CA GLY B 100 3.40 7.38 -25.84
C GLY B 100 4.46 7.06 -24.80
N ALA B 101 5.43 6.24 -25.18
CA ALA B 101 6.48 5.85 -24.24
C ALA B 101 7.81 5.72 -24.96
N VAL B 102 8.85 6.33 -24.39
CA VAL B 102 10.20 6.11 -24.87
C VAL B 102 11.07 5.64 -23.72
N VAL B 103 12.28 5.21 -24.04
CA VAL B 103 13.30 4.95 -23.05
C VAL B 103 14.58 5.62 -23.52
N ILE B 104 14.92 6.71 -22.86
CA ILE B 104 16.13 7.42 -23.22
C ILE B 104 17.05 7.51 -22.00
N SER B 105 18.32 7.11 -22.20
CA SER B 105 19.33 7.08 -21.15
C SER B 105 18.89 6.36 -19.88
N HIS B 106 18.45 5.12 -20.03
CA HIS B 106 18.17 4.23 -18.90
C HIS B 106 16.99 4.72 -18.09
N GLU B 107 16.20 5.63 -18.66
CA GLU B 107 15.06 6.22 -17.96
C GLU B 107 13.80 6.04 -18.76
N TYR B 108 12.70 5.73 -18.08
CA TYR B 108 11.46 5.45 -18.77
C TYR B 108 10.61 6.72 -18.74
N ILE B 109 9.88 6.97 -19.83
CA ILE B 109 8.96 8.11 -19.92
C ILE B 109 7.71 7.67 -20.65
N GLU B 110 6.55 7.96 -20.05
CA GLU B 110 5.27 7.56 -20.59
C GLU B 110 4.27 8.70 -20.42
N ILE B 111 3.89 9.31 -21.53
CA ILE B 111 2.98 10.44 -21.49
C ILE B 111 1.61 10.05 -22.04
N TRP B 112 0.55 10.61 -21.44
CA TRP B 112 -0.83 10.32 -21.83
C TRP B 112 -1.48 11.51 -22.53
N GLY B 113 -2.36 11.22 -23.50
CA GLY B 113 -3.18 12.28 -24.08
C GLY B 113 -4.35 12.69 -23.18
N GLN B 114 -5.03 13.76 -23.54
CA GLN B 114 -6.18 14.25 -22.77
C GLN B 114 -7.39 13.32 -22.84
N GLY B 115 -7.40 12.42 -23.82
CA GLY B 115 -8.49 11.49 -24.05
C GLY B 115 -9.52 12.02 -25.03
N ALA B 116 -10.27 11.11 -25.67
CA ALA B 116 -11.38 11.48 -26.55
C ALA B 116 -12.63 10.64 -26.22
N LEU B 117 -13.78 11.30 -26.08
CA LEU B 117 -14.99 10.58 -25.72
C LEU B 117 -15.69 9.95 -26.93
N VAL B 118 -15.92 8.65 -26.86
CA VAL B 118 -16.62 7.93 -27.90
C VAL B 118 -17.91 7.35 -27.33
N THR B 119 -19.03 7.87 -27.82
CA THR B 119 -20.33 7.47 -27.35
C THR B 119 -20.99 6.59 -28.39
N VAL B 120 -21.30 5.36 -28.02
CA VAL B 120 -21.96 4.45 -28.94
C VAL B 120 -23.41 4.31 -28.50
N SER B 121 -24.32 4.71 -29.38
CA SER B 121 -25.70 5.01 -29.01
C SER B 121 -26.54 5.29 -30.25
N SER B 122 -27.83 4.98 -30.18
CA SER B 122 -28.68 5.20 -31.35
C SER B 122 -29.53 6.46 -31.17
N ALA B 123 -29.25 7.19 -30.10
CA ALA B 123 -29.85 8.51 -29.89
C ALA B 123 -29.19 9.53 -30.82
N SER B 124 -29.88 10.63 -31.10
CA SER B 124 -29.38 11.60 -32.07
C SER B 124 -28.50 12.68 -31.45
N THR B 125 -27.62 13.24 -32.26
CA THR B 125 -26.83 14.43 -31.92
C THR B 125 -27.71 15.68 -31.88
N LYS B 126 -27.50 16.54 -30.89
CA LYS B 126 -28.15 17.85 -30.85
C LYS B 126 -27.17 18.91 -30.38
N GLY B 127 -27.13 20.02 -31.11
CA GLY B 127 -26.26 21.13 -30.77
C GLY B 127 -26.97 22.01 -29.77
N PRO B 128 -26.19 22.81 -29.02
CA PRO B 128 -26.75 23.69 -27.99
C PRO B 128 -27.31 24.98 -28.55
N SER B 129 -28.27 25.52 -27.81
CA SER B 129 -28.59 26.94 -27.86
C SER B 129 -27.68 27.64 -26.86
N VAL B 130 -26.98 28.68 -27.30
CA VAL B 130 -26.17 29.48 -26.39
C VAL B 130 -26.88 30.80 -26.04
N PHE B 131 -27.11 31.02 -24.75
CA PHE B 131 -27.82 32.22 -24.27
C PHE B 131 -26.94 33.03 -23.33
N PRO B 132 -26.88 34.35 -23.52
CA PRO B 132 -26.07 35.17 -22.61
C PRO B 132 -26.74 35.41 -21.25
N LEU B 133 -26.06 35.06 -20.16
CA LEU B 133 -26.57 35.38 -18.83
C LEU B 133 -26.08 36.74 -18.39
N ALA B 134 -26.92 37.76 -18.55
CA ALA B 134 -26.60 39.11 -18.09
C ALA B 134 -26.77 39.20 -16.56
N PRO B 135 -25.96 40.07 -15.92
CA PRO B 135 -25.86 40.24 -14.46
C PRO B 135 -27.19 40.60 -13.76
N SER B 136 -27.58 41.88 -13.81
CA SER B 136 -28.87 42.40 -13.28
C SER B 136 -28.85 43.93 -13.25
N SER B 137 -28.79 44.49 -12.04
CA SER B 137 -28.66 45.93 -11.82
C SER B 137 -28.18 46.10 -10.39
N ARG B 138 -28.22 44.95 -9.73
CA ARG B 138 -28.13 44.77 -8.30
C ARG B 138 -26.79 44.13 -8.03
N SER B 139 -26.22 43.55 -9.09
CA SER B 139 -24.88 43.00 -9.10
C SER B 139 -23.96 43.88 -9.97
N THR B 140 -24.58 44.72 -10.82
CA THR B 140 -23.85 45.81 -11.50
C THR B 140 -23.88 47.05 -10.60
N SER B 141 -23.72 46.79 -9.31
CA SER B 141 -23.75 47.82 -8.31
C SER B 141 -22.63 47.51 -7.34
N GLU B 142 -22.22 46.25 -7.34
CA GLU B 142 -21.03 45.82 -6.62
C GLU B 142 -19.76 46.26 -7.36
N SER B 143 -18.60 45.87 -6.85
CA SER B 143 -17.34 46.25 -7.48
C SER B 143 -17.00 45.29 -8.60
N THR B 144 -17.46 44.04 -8.47
CA THR B 144 -17.27 43.03 -9.52
C THR B 144 -18.59 42.37 -9.91
N ALA B 145 -18.76 42.13 -11.20
CA ALA B 145 -20.00 41.55 -11.70
C ALA B 145 -19.73 40.22 -12.33
N ALA B 146 -20.64 39.29 -12.15
CA ALA B 146 -20.50 38.01 -12.81
C ALA B 146 -21.47 37.95 -13.97
N LEU B 147 -20.99 37.54 -15.13
CA LEU B 147 -21.86 37.33 -16.27
C LEU B 147 -21.47 36.03 -16.92
N GLY B 148 -22.33 35.50 -17.78
CA GLY B 148 -22.09 34.16 -18.27
C GLY B 148 -22.79 33.75 -19.53
N CYS B 149 -22.56 32.49 -19.90
CA CYS B 149 -23.22 31.87 -21.03
C CYS B 149 -23.90 30.63 -20.54
N LEU B 150 -25.15 30.48 -20.92
CA LEU B 150 -25.87 29.25 -20.69
C LEU B 150 -25.75 28.41 -21.94
N VAL B 151 -25.28 27.18 -21.82
CA VAL B 151 -25.16 26.32 -22.98
C VAL B 151 -26.21 25.22 -22.87
N LYS B 152 -27.34 25.42 -23.51
CA LYS B 152 -28.54 24.63 -23.23
C LYS B 152 -28.88 23.48 -24.21
N ASP B 153 -29.11 22.29 -23.64
CA ASP B 153 -29.71 21.11 -24.30
C ASP B 153 -28.87 20.57 -25.48
N TYR B 154 -27.77 19.89 -25.16
CA TYR B 154 -26.89 19.32 -26.17
C TYR B 154 -26.54 17.84 -25.86
N PHE B 155 -25.93 17.16 -26.83
CA PHE B 155 -25.58 15.73 -26.75
C PHE B 155 -24.83 15.32 -28.01
N PRO B 156 -23.75 14.53 -27.85
CA PRO B 156 -23.16 14.04 -26.61
C PRO B 156 -22.20 15.07 -26.06
N GLU B 157 -21.47 14.72 -25.01
CA GLU B 157 -20.39 15.59 -24.56
C GLU B 157 -19.28 15.46 -25.58
N PRO B 158 -18.32 16.39 -25.56
CA PRO B 158 -18.23 17.55 -24.69
C PRO B 158 -18.39 18.89 -25.39
N VAL B 159 -18.38 19.95 -24.58
CA VAL B 159 -18.42 21.31 -25.05
C VAL B 159 -17.26 22.12 -24.49
N THR B 160 -16.60 22.92 -25.33
CA THR B 160 -15.63 23.85 -24.79
C THR B 160 -16.13 25.28 -24.76
N VAL B 161 -15.71 26.00 -23.73
CA VAL B 161 -16.00 27.42 -23.58
C VAL B 161 -14.73 28.21 -23.32
N SER B 162 -14.58 29.30 -24.05
CA SER B 162 -13.53 30.25 -23.78
C SER B 162 -14.16 31.63 -23.78
N TRP B 163 -13.37 32.62 -23.41
CA TRP B 163 -13.87 33.97 -23.41
C TRP B 163 -12.95 34.88 -24.21
N ASN B 164 -13.57 35.67 -25.09
CA ASN B 164 -12.88 36.60 -25.95
C ASN B 164 -11.76 35.94 -26.70
N SER B 165 -12.07 34.75 -27.23
CA SER B 165 -11.15 33.98 -28.04
C SER B 165 -9.96 33.53 -27.20
N GLY B 166 -10.22 33.24 -25.94
CA GLY B 166 -9.23 32.66 -25.05
C GLY B 166 -8.30 33.65 -24.36
N SER B 167 -8.54 34.94 -24.56
CA SER B 167 -7.66 35.96 -24.02
C SER B 167 -8.10 36.39 -22.62
N LEU B 168 -9.35 36.11 -22.29
CA LEU B 168 -9.84 36.33 -20.92
C LEU B 168 -9.76 35.03 -20.15
N THR B 169 -8.71 34.89 -19.34
CA THR B 169 -8.45 33.64 -18.63
C THR B 169 -8.95 33.67 -17.19
N SER B 170 -8.94 34.86 -16.62
CA SER B 170 -9.04 35.01 -15.17
C SER B 170 -10.45 35.28 -14.69
N GLY B 171 -10.80 34.62 -13.59
CA GLY B 171 -12.12 34.80 -13.01
C GLY B 171 -13.12 34.03 -13.84
N VAL B 172 -12.58 33.12 -14.63
CA VAL B 172 -13.38 32.29 -15.53
C VAL B 172 -13.67 30.94 -14.90
N HIS B 173 -14.92 30.69 -14.55
CA HIS B 173 -15.31 29.39 -14.01
C HIS B 173 -16.36 28.68 -14.90
N THR B 174 -15.93 27.70 -15.68
CA THR B 174 -16.84 26.87 -16.46
C THR B 174 -17.31 25.66 -15.62
N PHE B 175 -18.61 25.53 -15.40
CA PHE B 175 -19.12 24.44 -14.56
C PHE B 175 -19.34 23.11 -15.29
N PRO B 176 -19.18 21.99 -14.57
CA PRO B 176 -19.49 20.74 -15.28
C PRO B 176 -20.98 20.64 -15.57
N ALA B 177 -21.33 19.86 -16.59
CA ALA B 177 -22.69 19.79 -17.10
C ALA B 177 -23.62 18.95 -16.25
N VAL B 178 -24.89 19.34 -16.21
CA VAL B 178 -25.94 18.51 -15.64
C VAL B 178 -26.56 17.66 -16.74
N LEU B 179 -26.87 16.40 -16.43
CA LEU B 179 -27.61 15.55 -17.36
C LEU B 179 -29.12 15.57 -17.09
N GLN B 180 -29.88 16.11 -18.03
CA GLN B 180 -31.32 16.24 -17.90
C GLN B 180 -32.05 14.91 -18.14
N SER B 181 -33.28 14.84 -17.67
CA SER B 181 -34.15 13.68 -17.87
C SER B 181 -34.35 13.39 -19.35
N SER B 182 -33.97 14.36 -20.18
CA SER B 182 -34.14 14.25 -21.62
C SER B 182 -32.96 13.52 -22.27
N GLY B 183 -31.97 13.15 -21.46
CA GLY B 183 -30.72 12.65 -21.99
C GLY B 183 -29.85 13.74 -22.61
N LEU B 184 -30.28 15.00 -22.51
CA LEU B 184 -29.49 16.12 -23.02
C LEU B 184 -28.70 16.82 -21.90
N TYR B 185 -27.52 17.33 -22.24
CA TYR B 185 -26.65 18.04 -21.30
C TYR B 185 -26.80 19.57 -21.39
N SER B 186 -26.60 20.26 -20.27
CA SER B 186 -26.44 21.71 -20.25
C SER B 186 -25.30 22.08 -19.31
N LEU B 187 -24.60 23.17 -19.62
CA LEU B 187 -23.64 23.74 -18.67
C LEU B 187 -23.66 25.27 -18.68
N SER B 188 -22.93 25.86 -17.74
CA SER B 188 -22.85 27.29 -17.66
C SER B 188 -21.41 27.67 -17.53
N SER B 189 -21.08 28.83 -18.03
CA SER B 189 -19.74 29.37 -17.84
C SER B 189 -19.89 30.79 -17.33
N VAL B 190 -19.15 31.13 -16.28
CA VAL B 190 -19.16 32.49 -15.73
CA VAL B 190 -19.17 32.49 -15.75
C VAL B 190 -17.77 33.12 -15.74
N VAL B 191 -17.71 34.41 -16.02
CA VAL B 191 -16.49 35.17 -15.79
C VAL B 191 -16.82 36.35 -14.88
N THR B 192 -15.99 36.56 -13.87
CA THR B 192 -16.20 37.70 -12.99
C THR B 192 -15.26 38.81 -13.42
N VAL B 193 -15.82 40.01 -13.54
CA VAL B 193 -15.11 41.13 -14.17
C VAL B 193 -15.35 42.42 -13.39
N PRO B 194 -14.42 43.39 -13.49
CA PRO B 194 -14.63 44.67 -12.80
C PRO B 194 -15.86 45.38 -13.32
N SER B 195 -16.68 45.88 -12.41
CA SER B 195 -17.99 46.45 -12.77
C SER B 195 -17.92 47.73 -13.60
N SER B 196 -16.77 48.42 -13.54
CA SER B 196 -16.60 49.68 -14.28
C SER B 196 -16.31 49.43 -15.76
N SER B 197 -16.04 48.17 -16.09
CA SER B 197 -15.70 47.79 -17.46
C SER B 197 -16.91 47.30 -18.26
N LEU B 198 -18.09 47.33 -17.66
CA LEU B 198 -19.33 47.11 -18.41
C LEU B 198 -19.74 48.42 -19.09
N GLY B 199 -19.23 48.63 -20.30
CA GLY B 199 -19.39 49.92 -20.96
C GLY B 199 -18.24 50.11 -21.91
N THR B 200 -17.03 49.92 -21.41
CA THR B 200 -15.87 49.83 -22.29
C THR B 200 -15.82 48.41 -22.83
N GLN B 201 -15.16 47.53 -22.08
CA GLN B 201 -14.92 46.13 -22.46
C GLN B 201 -16.15 45.42 -22.99
N THR B 202 -15.99 44.76 -24.12
CA THR B 202 -17.07 43.99 -24.70
C THR B 202 -16.76 42.50 -24.50
N TYR B 203 -17.72 41.77 -23.94
CA TYR B 203 -17.48 40.37 -23.56
C TYR B 203 -18.20 39.38 -24.47
N VAL B 204 -17.45 38.40 -24.97
CA VAL B 204 -17.99 37.43 -25.89
C VAL B 204 -17.53 36.03 -25.52
N CYS B 205 -18.46 35.14 -25.20
CA CYS B 205 -18.03 33.76 -24.93
C CYS B 205 -18.06 32.90 -26.22
N ASN B 206 -17.07 32.04 -26.35
CA ASN B 206 -16.90 31.16 -27.50
C ASN B 206 -17.22 29.74 -27.10
N VAL B 207 -18.23 29.19 -27.75
CA VAL B 207 -18.73 27.86 -27.43
C VAL B 207 -18.51 26.90 -28.61
N ASN B 208 -17.84 25.79 -28.37
CA ASN B 208 -17.63 24.84 -29.45
C ASN B 208 -18.23 23.49 -29.11
N HIS B 209 -18.99 22.93 -30.06
CA HIS B 209 -19.58 21.60 -29.90
C HIS B 209 -19.31 20.87 -31.20
N LYS B 210 -18.11 20.30 -31.27
CA LYS B 210 -17.64 19.68 -32.49
C LYS B 210 -18.56 18.56 -33.01
N PRO B 211 -19.21 17.78 -32.13
CA PRO B 211 -20.12 16.76 -32.71
C PRO B 211 -21.30 17.34 -33.54
N SER B 212 -21.69 18.56 -33.24
CA SER B 212 -22.82 19.18 -33.92
C SER B 212 -22.37 20.19 -34.97
N ASN B 213 -21.05 20.44 -35.03
CA ASN B 213 -20.51 21.48 -35.90
C ASN B 213 -21.04 22.85 -35.46
N THR B 214 -21.33 22.97 -34.17
CA THR B 214 -21.85 24.20 -33.63
C THR B 214 -20.69 24.99 -33.00
N LYS B 215 -20.23 26.04 -33.65
CA LYS B 215 -19.32 26.99 -32.97
C LYS B 215 -19.95 28.39 -32.89
N VAL B 216 -20.28 28.83 -31.67
CA VAL B 216 -20.92 30.13 -31.46
C VAL B 216 -20.03 31.08 -30.67
N ASP B 217 -20.13 32.37 -30.99
CA ASP B 217 -19.50 33.40 -30.20
C ASP B 217 -20.56 34.42 -29.78
N LYS B 218 -21.14 34.24 -28.59
CA LYS B 218 -22.26 35.10 -28.18
C LYS B 218 -21.78 36.36 -27.45
N ARG B 219 -22.27 37.50 -27.87
CA ARG B 219 -21.98 38.70 -27.10
C ARG B 219 -22.90 38.72 -25.89
N VAL B 220 -22.34 39.04 -24.73
CA VAL B 220 -23.13 39.25 -23.54
C VAL B 220 -23.31 40.74 -23.29
N GLU B 221 -24.50 41.26 -23.60
CA GLU B 221 -24.77 42.69 -23.44
C GLU B 221 -25.49 42.98 -22.11
N ILE B 222 -25.96 44.21 -21.93
CA ILE B 222 -26.80 44.55 -20.77
C ILE B 222 -28.02 45.36 -21.20
N SER C 2 -6.55 -13.46 -10.66
CA SER C 2 -6.06 -12.89 -11.92
C SER C 2 -6.36 -11.38 -12.07
N VAL C 3 -7.02 -10.81 -11.06
CA VAL C 3 -7.28 -9.37 -11.02
C VAL C 3 -6.37 -8.72 -9.97
N LEU C 4 -6.06 -7.44 -10.16
CA LEU C 4 -5.27 -6.70 -9.19
C LEU C 4 -6.23 -5.97 -8.27
N THR C 5 -6.15 -6.26 -6.97
CA THR C 5 -7.15 -5.75 -6.07
C THR C 5 -6.58 -4.71 -5.09
N GLN C 6 -7.27 -3.58 -5.01
CA GLN C 6 -6.92 -2.51 -4.10
C GLN C 6 -8.08 -2.22 -3.15
N PRO C 7 -7.77 -1.74 -1.94
CA PRO C 7 -8.88 -1.22 -1.13
C PRO C 7 -9.54 -0.03 -1.84
N PRO C 8 -10.88 0.04 -1.80
CA PRO C 8 -11.66 1.06 -2.50
C PRO C 8 -11.34 2.49 -2.06
N SER C 9 -11.24 2.69 -0.75
CA SER C 9 -11.02 4.01 -0.21
C SER C 9 -9.71 4.06 0.59
N ALA C 10 -9.23 5.27 0.86
CA ALA C 10 -8.17 5.47 1.85
C ALA C 10 -8.28 6.89 2.37
N SER C 11 -7.62 7.19 3.47
CA SER C 11 -7.80 8.48 4.09
C SER C 11 -6.67 8.77 5.05
N GLU C 12 -6.27 10.04 5.11
CA GLU C 12 -5.34 10.53 6.14
C GLU C 12 -5.26 12.06 6.19
N ALA C 13 -4.64 12.58 7.25
CA ALA C 13 -4.59 14.03 7.45
C ALA C 13 -3.43 14.68 6.67
N ALA C 14 -3.57 15.98 6.38
CA ALA C 14 -2.54 16.76 5.71
C ALA C 14 -1.21 16.71 6.46
N ARG C 15 -0.10 16.74 5.70
CA ARG C 15 1.27 16.73 6.21
C ARG C 15 1.75 15.35 6.70
N LYS C 16 0.85 14.38 6.72
CA LYS C 16 1.21 13.02 7.14
C LYS C 16 1.45 12.14 5.91
N SER C 17 1.42 10.83 6.09
CA SER C 17 1.77 9.90 4.99
C SER C 17 0.83 8.71 4.84
N VAL C 18 0.41 8.39 3.62
CA VAL C 18 -0.43 7.20 3.39
C VAL C 18 0.24 6.10 2.57
N THR C 19 -0.27 4.88 2.74
CA THR C 19 0.15 3.71 1.99
C THR C 19 -1.05 3.16 1.27
N ILE C 20 -0.90 2.83 -0.02
CA ILE C 20 -1.96 2.18 -0.76
C ILE C 20 -1.44 0.86 -1.31
N SER C 21 -2.17 -0.22 -1.06
CA SER C 21 -1.69 -1.54 -1.44
C SER C 21 -2.40 -2.11 -2.68
N CYS C 22 -1.83 -3.19 -3.18
CA CYS C 22 -2.28 -3.81 -4.39
C CYS C 22 -1.82 -5.23 -4.27
N SER C 23 -2.71 -6.17 -4.50
CA SER C 23 -2.30 -7.57 -4.48
C SER C 23 -2.75 -8.30 -5.75
N GLY C 24 -1.80 -8.95 -6.39
CA GLY C 24 -2.11 -9.71 -7.59
C GLY C 24 -1.71 -11.14 -7.35
N GLY C 25 -1.24 -11.79 -8.40
CA GLY C 25 -0.80 -13.16 -8.29
C GLY C 25 0.55 -13.28 -8.94
N SER C 26 1.08 -14.49 -9.00
CA SER C 26 2.40 -14.69 -9.55
C SER C 26 2.43 -14.40 -11.05
N SER C 27 1.29 -14.49 -11.72
CA SER C 27 1.23 -14.31 -13.18
C SER C 27 1.30 -12.85 -13.65
N ASN C 28 0.98 -11.90 -12.76
CA ASN C 28 1.15 -10.48 -13.08
C ASN C 28 2.21 -9.80 -12.21
N ILE C 29 1.81 -9.24 -11.07
CA ILE C 29 2.73 -8.60 -10.15
C ILE C 29 3.94 -9.49 -9.81
N GLY C 30 3.66 -10.73 -9.40
CA GLY C 30 4.70 -11.71 -9.19
C GLY C 30 5.78 -11.79 -10.28
N ASP C 31 5.37 -12.00 -11.52
CA ASP C 31 6.32 -12.23 -12.63
C ASP C 31 6.93 -10.95 -13.21
N ASP C 32 6.14 -9.89 -13.30
CA ASP C 32 6.64 -8.67 -13.91
C ASP C 32 6.88 -7.56 -12.89
N SER C 33 6.47 -6.35 -13.25
CA SER C 33 6.70 -5.20 -12.38
C SER C 33 5.44 -4.36 -12.32
N VAL C 34 5.31 -3.60 -11.23
CA VAL C 34 4.14 -2.78 -10.99
C VAL C 34 4.43 -1.34 -11.36
N SER C 35 3.45 -0.69 -12.00
CA SER C 35 3.43 0.77 -12.16
C SER C 35 2.25 1.37 -11.40
N TRP C 36 2.35 2.63 -11.00
CA TRP C 36 1.27 3.33 -10.33
C TRP C 36 0.79 4.58 -11.10
N TYR C 37 -0.53 4.78 -11.15
CA TYR C 37 -1.05 5.98 -11.79
C TYR C 37 -1.85 6.82 -10.82
N GLN C 38 -1.84 8.13 -11.06
CA GLN C 38 -2.68 9.06 -10.32
C GLN C 38 -3.72 9.63 -11.26
N GLN C 39 -4.97 9.68 -10.81
CA GLN C 39 -6.00 10.30 -11.63
C GLN C 39 -6.92 11.18 -10.84
N VAL C 40 -6.81 12.47 -11.08
CA VAL C 40 -7.78 13.41 -10.55
C VAL C 40 -8.95 13.41 -11.50
N PRO C 41 -10.16 13.24 -10.97
CA PRO C 41 -11.37 13.18 -11.82
C PRO C 41 -11.39 14.28 -12.88
N GLY C 42 -11.83 13.96 -14.09
CA GLY C 42 -11.81 14.91 -15.21
C GLY C 42 -10.55 14.76 -16.04
N THR C 43 -9.41 15.02 -15.43
CA THR C 43 -8.10 14.86 -16.05
C THR C 43 -7.81 13.41 -16.47
N ALA C 44 -6.68 13.24 -17.15
CA ALA C 44 -6.16 11.93 -17.54
C ALA C 44 -5.34 11.31 -16.41
N PRO C 45 -5.10 10.00 -16.49
CA PRO C 45 -4.14 9.49 -15.50
C PRO C 45 -2.71 9.94 -15.83
N LYS C 46 -1.89 9.95 -14.80
CA LYS C 46 -0.50 10.39 -14.91
C LYS C 46 0.34 9.26 -14.29
N LEU C 47 1.43 8.87 -14.94
CA LEU C 47 2.29 7.85 -14.33
C LEU C 47 3.06 8.47 -13.17
N LEU C 48 3.10 7.75 -12.04
CA LEU C 48 3.87 8.17 -10.86
C LEU C 48 5.11 7.29 -10.62
N ILE C 49 4.91 5.98 -10.65
CA ILE C 49 5.97 5.03 -10.35
C ILE C 49 5.97 3.96 -11.45
N TYR C 50 7.15 3.49 -11.82
CA TYR C 50 7.29 2.39 -12.78
C TYR C 50 8.42 1.44 -12.36
N TYR C 51 8.41 0.23 -12.93
CA TYR C 51 9.32 -0.86 -12.54
C TYR C 51 9.43 -1.00 -11.01
N ASN C 52 8.27 -1.08 -10.35
CA ASN C 52 8.16 -1.32 -8.89
C ASN C 52 8.48 -0.12 -8.02
N ASP C 53 9.61 0.55 -8.26
CA ASP C 53 10.05 1.61 -7.34
C ASP C 53 10.72 2.83 -7.98
N ARG C 54 10.67 2.95 -9.30
CA ARG C 54 11.34 4.08 -9.92
C ARG C 54 10.35 5.22 -10.20
N ARG C 55 10.81 6.43 -9.91
CA ARG C 55 9.96 7.60 -10.00
C ARG C 55 9.93 8.15 -11.43
N ALA C 56 8.72 8.44 -11.89
CA ALA C 56 8.46 9.02 -13.20
C ALA C 56 9.04 10.42 -13.31
N SER C 57 9.51 10.77 -14.51
CA SER C 57 10.13 12.07 -14.78
C SER C 57 9.32 13.23 -14.21
N GLY C 58 9.94 14.02 -13.32
CA GLY C 58 9.33 15.20 -12.75
C GLY C 58 8.15 14.92 -11.83
N VAL C 59 8.41 14.21 -10.75
CA VAL C 59 7.37 13.78 -9.82
C VAL C 59 7.87 13.93 -8.37
N SER C 60 7.00 14.43 -7.50
CA SER C 60 7.38 14.71 -6.12
C SER C 60 7.94 13.47 -5.42
N ASP C 61 9.05 13.65 -4.72
CA ASP C 61 9.73 12.56 -4.05
C ASP C 61 9.01 12.22 -2.76
N ARG C 62 7.88 12.88 -2.56
CA ARG C 62 6.95 12.49 -1.51
C ARG C 62 6.28 11.15 -1.85
N PHE C 63 6.27 10.80 -3.14
CA PHE C 63 5.78 9.50 -3.65
C PHE C 63 6.90 8.47 -3.81
N SER C 64 6.64 7.23 -3.39
CA SER C 64 7.62 6.16 -3.43
C SER C 64 6.90 4.84 -3.52
N GLY C 65 7.54 3.83 -4.11
CA GLY C 65 6.87 2.57 -4.38
C GLY C 65 7.71 1.35 -4.03
N SER C 66 7.07 0.26 -3.61
CA SER C 66 7.79 -0.97 -3.28
C SER C 66 7.02 -2.19 -3.77
N LYS C 67 7.74 -3.28 -3.99
CA LYS C 67 7.13 -4.55 -4.36
C LYS C 67 7.57 -5.67 -3.41
N SER C 68 6.63 -6.29 -2.70
CA SER C 68 6.99 -7.47 -1.90
C SER C 68 6.23 -8.71 -2.37
N GLY C 69 6.94 -9.59 -3.07
CA GLY C 69 6.38 -10.85 -3.52
C GLY C 69 5.30 -10.69 -4.56
N THR C 70 4.06 -10.90 -4.15
CA THR C 70 2.94 -10.89 -5.08
C THR C 70 2.04 -9.66 -4.83
N SER C 71 2.39 -8.88 -3.82
CA SER C 71 1.72 -7.60 -3.55
C SER C 71 2.64 -6.42 -3.88
N ALA C 72 2.13 -5.20 -3.70
CA ALA C 72 2.83 -4.00 -4.11
C ALA C 72 2.31 -2.80 -3.34
N SER C 73 3.14 -1.78 -3.16
CA SER C 73 2.76 -0.68 -2.28
C SER C 73 3.26 0.71 -2.71
N LEU C 74 2.31 1.64 -2.83
CA LEU C 74 2.58 3.04 -3.09
C LEU C 74 2.48 3.86 -1.80
N ALA C 75 3.49 4.68 -1.50
CA ALA C 75 3.50 5.50 -0.27
C ALA C 75 3.60 7.00 -0.58
N ILE C 76 2.91 7.83 0.19
CA ILE C 76 2.92 9.27 -0.07
C ILE C 76 3.26 10.09 1.16
N ASN C 77 4.26 10.97 1.07
CA ASN C 77 4.68 11.87 2.16
C ASN C 77 4.08 13.27 2.06
N GLY C 78 4.40 14.11 3.06
CA GLY C 78 3.95 15.50 3.12
C GLY C 78 2.63 15.77 2.41
N LEU C 79 1.59 15.07 2.84
CA LEU C 79 0.31 15.05 2.14
C LEU C 79 -0.34 16.43 1.91
N GLN C 80 -0.43 16.80 0.64
CA GLN C 80 -1.07 18.03 0.19
C GLN C 80 -2.48 17.76 -0.34
N SER C 81 -3.24 18.81 -0.60
CA SER C 81 -4.63 18.66 -1.01
C SER C 81 -4.70 18.30 -2.47
N GLU C 82 -3.70 18.74 -3.24
CA GLU C 82 -3.54 18.28 -4.62
C GLU C 82 -3.57 16.76 -4.74
N ASP C 83 -3.09 16.08 -3.71
CA ASP C 83 -2.87 14.65 -3.77
C ASP C 83 -4.10 13.77 -3.71
N GLU C 84 -5.30 14.32 -3.55
CA GLU C 84 -6.41 13.37 -3.58
C GLU C 84 -6.97 13.20 -4.99
N ALA C 85 -7.07 11.93 -5.32
CA ALA C 85 -7.21 11.46 -6.68
C ALA C 85 -7.49 9.99 -6.53
N ASP C 86 -7.73 9.34 -7.66
CA ASP C 86 -7.76 7.89 -7.62
C ASP C 86 -6.33 7.36 -7.92
N TYR C 87 -5.98 6.24 -7.31
CA TYR C 87 -4.67 5.67 -7.58
C TYR C 87 -4.84 4.25 -8.06
N TYR C 88 -4.17 3.97 -9.16
CA TYR C 88 -4.23 2.68 -9.81
C TYR C 88 -2.86 2.07 -9.87
N CYS C 89 -2.74 0.82 -9.45
CA CYS C 89 -1.56 0.05 -9.77
C CYS C 89 -1.79 -0.61 -11.13
N ALA C 90 -0.72 -1.08 -11.75
CA ALA C 90 -0.80 -1.71 -13.07
C ALA C 90 0.37 -2.66 -13.30
N ALA C 91 0.09 -3.80 -13.92
CA ALA C 91 1.17 -4.72 -14.29
C ALA C 91 0.76 -5.46 -15.53
N TRP C 92 1.72 -6.10 -16.18
CA TRP C 92 1.43 -7.01 -17.26
C TRP C 92 1.13 -8.37 -16.65
N ASP C 93 0.14 -9.06 -17.22
CA ASP C 93 -0.23 -10.39 -16.78
C ASP C 93 0.15 -11.39 -17.87
N ASP C 94 0.62 -12.56 -17.43
CA ASP C 94 1.21 -13.53 -18.33
C ASP C 94 0.23 -14.44 -19.03
N SER C 95 -0.81 -14.85 -18.31
CA SER C 95 -1.76 -15.83 -18.81
C SER C 95 -2.81 -15.18 -19.70
N LEU C 96 -3.25 -13.99 -19.28
CA LEU C 96 -4.21 -13.19 -20.05
C LEU C 96 -3.56 -12.50 -21.26
N SER C 97 -2.28 -12.14 -21.13
CA SER C 97 -1.55 -11.34 -22.12
C SER C 97 -2.25 -9.99 -22.36
N ALA C 98 -2.20 -9.16 -21.33
CA ALA C 98 -2.87 -7.87 -21.33
C ALA C 98 -2.33 -7.06 -20.16
N TYR C 99 -2.35 -5.74 -20.30
CA TYR C 99 -1.92 -4.85 -19.21
C TYR C 99 -3.13 -4.68 -18.31
N ILE C 100 -2.99 -5.05 -17.05
CA ILE C 100 -4.13 -5.08 -16.12
C ILE C 100 -4.03 -3.98 -15.03
N PHE C 101 -5.13 -3.27 -14.80
CA PHE C 101 -5.16 -2.14 -13.87
C PHE C 101 -5.92 -2.53 -12.60
N GLY C 102 -5.48 -2.02 -11.45
CA GLY C 102 -6.17 -2.32 -10.21
C GLY C 102 -7.59 -1.78 -10.15
N SER C 103 -8.36 -2.19 -9.13
CA SER C 103 -9.71 -1.68 -8.88
C SER C 103 -9.69 -0.15 -8.79
N GLY C 104 -8.62 0.38 -8.19
CA GLY C 104 -8.47 1.80 -7.97
C GLY C 104 -8.79 2.19 -6.53
N THR C 105 -8.11 3.20 -6.03
CA THR C 105 -8.29 3.60 -4.63
C THR C 105 -8.53 5.10 -4.51
N ARG C 106 -9.65 5.49 -3.91
CA ARG C 106 -9.93 6.91 -3.76
C ARG C 106 -9.34 7.44 -2.46
N LEU C 107 -8.20 8.13 -2.56
CA LEU C 107 -7.61 8.79 -1.40
C LEU C 107 -8.35 10.09 -1.11
N THR C 108 -8.60 10.36 0.17
CA THR C 108 -9.19 11.64 0.56
C THR C 108 -8.25 12.25 1.61
N VAL C 109 -8.18 13.59 1.69
CA VAL C 109 -7.28 14.23 2.65
C VAL C 109 -8.04 15.03 3.71
N LEU C 110 -7.84 14.64 4.96
CA LEU C 110 -8.59 15.19 6.09
C LEU C 110 -7.92 16.43 6.66
N GLY C 111 -8.71 17.30 7.27
CA GLY C 111 -8.18 18.46 7.95
C GLY C 111 -8.20 19.68 7.06
N GLN C 112 -8.75 19.50 5.88
CA GLN C 112 -8.87 20.61 4.95
C GLN C 112 -9.80 21.67 5.54
N PRO C 113 -9.41 22.95 5.39
CA PRO C 113 -10.22 24.09 5.83
C PRO C 113 -11.64 24.05 5.30
N LYS C 114 -12.61 24.11 6.21
CA LYS C 114 -14.01 24.22 5.87
C LYS C 114 -14.29 25.59 5.25
N ALA C 115 -14.99 25.60 4.12
CA ALA C 115 -15.28 26.83 3.38
C ALA C 115 -16.74 26.87 2.95
N SER C 116 -17.42 27.98 3.25
CA SER C 116 -18.81 28.15 2.88
C SER C 116 -18.97 28.52 1.39
N PRO C 117 -20.07 28.07 0.74
CA PRO C 117 -20.28 28.27 -0.70
C PRO C 117 -20.64 29.68 -1.10
N THR C 118 -20.16 30.10 -2.25
CA THR C 118 -20.67 31.33 -2.88
C THR C 118 -21.72 30.90 -3.91
N VAL C 119 -22.69 31.78 -4.12
CA VAL C 119 -23.83 31.47 -4.97
C VAL C 119 -24.14 32.57 -5.96
N THR C 120 -24.27 32.21 -7.23
CA THR C 120 -24.71 33.15 -8.26
C THR C 120 -26.00 32.64 -8.91
N LEU C 121 -27.01 33.51 -9.00
CA LEU C 121 -28.29 33.10 -9.54
C LEU C 121 -28.67 34.00 -10.73
N PHE C 122 -28.97 33.37 -11.87
CA PHE C 122 -29.28 34.12 -13.09
C PHE C 122 -30.72 33.94 -13.57
N PRO C 123 -31.38 35.05 -13.92
CA PRO C 123 -32.74 34.97 -14.50
C PRO C 123 -32.67 34.35 -15.89
N PRO C 124 -33.82 34.02 -16.48
CA PRO C 124 -33.77 33.57 -17.88
C PRO C 124 -33.39 34.74 -18.79
N SER C 125 -32.66 34.49 -19.87
CA SER C 125 -32.37 35.59 -20.81
C SER C 125 -33.64 35.98 -21.57
N SER C 126 -33.66 37.18 -22.13
CA SER C 126 -34.84 37.61 -22.87
C SER C 126 -34.95 36.75 -24.11
N GLU C 127 -33.79 36.48 -24.70
CA GLU C 127 -33.68 35.68 -25.91
C GLU C 127 -34.34 34.34 -25.72
N GLU C 128 -34.15 33.78 -24.54
CA GLU C 128 -34.73 32.49 -24.22
C GLU C 128 -36.23 32.59 -23.93
N LEU C 129 -36.68 33.74 -23.44
CA LEU C 129 -38.08 33.93 -23.17
C LEU C 129 -38.89 34.08 -24.46
N GLN C 130 -38.25 34.57 -25.53
CA GLN C 130 -38.96 34.73 -26.81
C GLN C 130 -39.29 33.38 -27.38
N ALA C 131 -38.57 32.35 -26.92
CA ALA C 131 -38.90 30.99 -27.29
C ALA C 131 -39.79 30.35 -26.22
N ASN C 132 -40.27 31.17 -25.29
CA ASN C 132 -41.15 30.72 -24.21
C ASN C 132 -40.58 29.61 -23.33
N LYS C 133 -39.34 29.73 -22.85
CA LYS C 133 -38.74 28.61 -22.11
C LYS C 133 -37.91 28.89 -20.85
N ALA C 134 -37.94 30.12 -20.32
CA ALA C 134 -37.34 30.48 -19.01
C ALA C 134 -36.54 29.43 -18.21
N THR C 135 -35.22 29.59 -18.15
CA THR C 135 -34.37 28.70 -17.38
C THR C 135 -33.64 29.46 -16.29
N LEU C 136 -33.75 28.99 -15.05
CA LEU C 136 -33.09 29.66 -13.92
C LEU C 136 -31.80 28.93 -13.56
N VAL C 137 -30.72 29.69 -13.44
CA VAL C 137 -29.39 29.11 -13.24
C VAL C 137 -28.80 29.46 -11.89
N CYS C 138 -28.53 28.43 -11.09
CA CYS C 138 -27.95 28.63 -9.76
C CYS C 138 -26.56 28.04 -9.63
N LEU C 139 -25.54 28.89 -9.67
CA LEU C 139 -24.15 28.44 -9.63
C LEU C 139 -23.56 28.48 -8.22
N ILE C 140 -22.86 27.41 -7.87
CA ILE C 140 -22.45 27.18 -6.51
C ILE C 140 -20.98 26.79 -6.50
N SER C 141 -20.12 27.59 -5.86
CA SER C 141 -18.70 27.24 -5.85
C SER C 141 -17.97 27.52 -4.55
N ASP C 142 -16.69 27.16 -4.55
CA ASP C 142 -15.76 27.49 -3.49
C ASP C 142 -16.23 27.00 -2.13
N PHE C 143 -16.65 25.74 -2.05
CA PHE C 143 -17.10 25.21 -0.77
C PHE C 143 -16.42 23.90 -0.45
N TYR C 144 -16.44 23.54 0.84
CA TYR C 144 -15.91 22.27 1.30
C TYR C 144 -16.47 22.01 2.68
N PRO C 145 -16.83 20.75 2.98
CA PRO C 145 -16.80 19.56 2.13
C PRO C 145 -17.87 19.59 1.03
N GLY C 146 -17.78 18.67 0.09
CA GLY C 146 -18.62 18.68 -1.09
C GLY C 146 -20.01 18.08 -0.97
N VAL C 147 -20.75 18.47 0.05
CA VAL C 147 -22.15 18.07 0.15
C VAL C 147 -23.03 19.30 0.34
N VAL C 148 -23.89 19.52 -0.65
CA VAL C 148 -24.85 20.59 -0.61
C VAL C 148 -26.25 20.06 -0.88
N LYS C 149 -27.24 20.75 -0.34
CA LYS C 149 -28.64 20.56 -0.70
C LYS C 149 -29.14 21.86 -1.35
N VAL C 150 -29.87 21.73 -2.45
CA VAL C 150 -30.43 22.87 -3.11
C VAL C 150 -31.95 22.78 -3.04
N ALA C 151 -32.60 23.84 -2.57
CA ALA C 151 -34.04 23.94 -2.68
C ALA C 151 -34.36 25.19 -3.49
N TRP C 152 -35.44 25.14 -4.26
CA TRP C 152 -35.91 26.33 -4.95
C TRP C 152 -37.23 26.76 -4.34
N LYS C 153 -37.53 28.04 -4.38
CA LYS C 153 -38.77 28.53 -3.81
C LYS C 153 -39.44 29.53 -4.76
N ALA C 154 -40.75 29.46 -4.85
CA ALA C 154 -41.51 30.49 -5.55
C ALA C 154 -42.48 31.13 -4.55
N ASP C 155 -42.29 32.44 -4.31
CA ASP C 155 -43.12 33.21 -3.39
C ASP C 155 -43.30 32.50 -2.05
N GLY C 156 -42.23 31.83 -1.59
CA GLY C 156 -42.25 31.11 -0.34
C GLY C 156 -42.91 29.74 -0.42
N SER C 157 -43.36 29.38 -1.62
CA SER C 157 -43.88 28.04 -1.88
C SER C 157 -42.75 27.19 -2.43
N ALA C 158 -42.69 25.92 -2.02
CA ALA C 158 -41.59 25.03 -2.41
C ALA C 158 -41.78 24.45 -3.81
N VAL C 159 -40.82 24.75 -4.69
CA VAL C 159 -40.83 24.21 -6.06
C VAL C 159 -39.98 22.94 -6.09
N ASN C 160 -40.61 21.83 -6.48
CA ASN C 160 -39.96 20.52 -6.54
C ASN C 160 -39.77 20.06 -7.98
N ALA C 161 -40.78 20.33 -8.80
CA ALA C 161 -40.78 19.96 -10.21
C ALA C 161 -39.78 20.78 -11.00
N GLY C 162 -39.28 20.21 -12.09
CA GLY C 162 -38.46 20.97 -13.03
C GLY C 162 -37.08 21.36 -12.52
N VAL C 163 -36.59 20.67 -11.51
CA VAL C 163 -35.27 20.95 -10.95
C VAL C 163 -34.28 19.87 -11.33
N GLU C 164 -33.10 20.29 -11.78
CA GLU C 164 -32.01 19.36 -12.06
C GLU C 164 -30.73 19.88 -11.40
N THR C 165 -30.22 19.11 -10.44
CA THR C 165 -29.02 19.49 -9.67
C THR C 165 -27.81 18.57 -9.97
N THR C 166 -26.62 19.15 -9.93
CA THR C 166 -25.36 18.51 -10.28
C THR C 166 -24.69 17.84 -9.08
N THR C 167 -24.16 16.64 -9.29
CA THR C 167 -23.25 16.02 -8.34
C THR C 167 -22.02 16.91 -8.16
N PRO C 168 -21.69 17.27 -6.91
CA PRO C 168 -20.62 18.24 -6.64
C PRO C 168 -19.27 17.74 -7.13
N SER C 169 -18.50 18.63 -7.76
CA SER C 169 -17.20 18.27 -8.35
C SER C 169 -16.10 19.19 -7.83
N LYS C 170 -14.86 18.72 -7.89
CA LYS C 170 -13.74 19.47 -7.32
C LYS C 170 -13.03 20.30 -8.39
N GLN C 171 -12.65 21.52 -8.03
CA GLN C 171 -12.05 22.49 -8.96
C GLN C 171 -10.51 22.42 -8.99
N SER C 172 -9.89 23.34 -9.72
CA SER C 172 -8.43 23.55 -9.67
C SER C 172 -8.08 24.21 -8.33
N ASN C 173 -9.14 24.57 -7.60
CA ASN C 173 -9.07 25.29 -6.34
C ASN C 173 -8.72 24.38 -5.18
N ASN C 174 -8.97 23.10 -5.37
CA ASN C 174 -9.11 22.09 -4.32
C ASN C 174 -10.41 22.26 -3.52
N LYS C 175 -11.34 23.07 -4.05
CA LYS C 175 -12.66 23.18 -3.46
C LYS C 175 -13.73 22.71 -4.45
N TYR C 176 -14.97 22.57 -3.99
CA TYR C 176 -16.05 22.00 -4.78
C TYR C 176 -16.94 23.00 -5.50
N ALA C 177 -17.60 22.52 -6.56
CA ALA C 177 -18.54 23.35 -7.30
C ALA C 177 -19.76 22.53 -7.70
N ALA C 178 -20.83 23.22 -8.12
CA ALA C 178 -22.07 22.58 -8.55
C ALA C 178 -23.02 23.60 -9.16
N SER C 179 -24.05 23.11 -9.86
CA SER C 179 -25.00 23.98 -10.51
C SER C 179 -26.38 23.45 -10.26
N SER C 180 -27.37 24.32 -10.22
CA SER C 180 -28.71 23.81 -10.20
C SER C 180 -29.54 24.62 -11.17
N TYR C 181 -30.37 23.93 -11.91
CA TYR C 181 -31.17 24.56 -12.96
C TYR C 181 -32.64 24.31 -12.68
N LEU C 182 -33.42 25.38 -12.72
CA LEU C 182 -34.87 25.27 -12.64
C LEU C 182 -35.45 25.57 -14.01
N SER C 183 -36.19 24.62 -14.55
CA SER C 183 -36.70 24.73 -15.92
C SER C 183 -38.20 25.04 -15.95
N LEU C 184 -38.55 26.20 -16.50
CA LEU C 184 -39.92 26.71 -16.49
C LEU C 184 -40.38 27.06 -17.90
N THR C 185 -41.70 27.13 -18.11
CA THR C 185 -42.21 27.80 -19.30
C THR C 185 -42.19 29.30 -19.01
N SER C 186 -42.26 30.12 -20.04
CA SER C 186 -42.15 31.56 -19.86
C SER C 186 -43.29 32.19 -19.05
N ASP C 187 -44.42 31.51 -18.93
CA ASP C 187 -45.55 32.10 -18.21
C ASP C 187 -45.67 31.66 -16.76
N GLN C 188 -45.02 30.57 -16.40
CA GLN C 188 -44.87 30.23 -14.99
C GLN C 188 -43.89 31.19 -14.37
N TRP C 189 -42.83 31.48 -15.13
CA TRP C 189 -41.84 32.45 -14.72
C TRP C 189 -42.50 33.78 -14.37
N LYS C 190 -43.44 34.22 -15.22
CA LYS C 190 -44.17 35.47 -14.99
C LYS C 190 -45.32 35.35 -13.99
N SER C 191 -45.72 34.13 -13.65
CA SER C 191 -46.86 33.92 -12.76
C SER C 191 -46.52 34.18 -11.28
N HIS C 192 -45.23 34.15 -10.94
CA HIS C 192 -44.77 34.46 -9.58
C HIS C 192 -43.89 35.72 -9.56
N LYS C 193 -43.92 36.46 -8.46
CA LYS C 193 -43.20 37.73 -8.38
C LYS C 193 -41.73 37.58 -7.97
N SER C 194 -41.40 36.53 -7.21
CA SER C 194 -40.01 36.25 -6.85
C SER C 194 -39.69 34.76 -6.80
N TYR C 195 -38.56 34.41 -7.38
CA TYR C 195 -37.99 33.08 -7.24
C TYR C 195 -36.70 33.14 -6.43
N SER C 196 -36.33 32.02 -5.82
CA SER C 196 -35.20 32.01 -4.89
C SER C 196 -34.50 30.66 -4.80
N CYS C 197 -33.18 30.73 -4.71
CA CYS C 197 -32.33 29.56 -4.72
C CYS C 197 -31.68 29.43 -3.36
N GLN C 198 -31.93 28.32 -2.66
CA GLN C 198 -31.46 28.15 -1.28
C GLN C 198 -30.44 27.05 -1.18
N VAL C 199 -29.18 27.43 -1.03
CA VAL C 199 -28.13 26.41 -0.92
C VAL C 199 -27.75 26.19 0.55
N THR C 200 -27.86 24.94 1.00
CA THR C 200 -27.50 24.57 2.37
C THR C 200 -26.23 23.76 2.36
N HIS C 201 -25.30 24.15 3.24
CA HIS C 201 -23.98 23.51 3.34
C HIS C 201 -23.59 23.43 4.79
N GLU C 202 -23.00 22.31 5.17
CA GLU C 202 -22.92 21.89 6.57
C GLU C 202 -24.27 22.11 7.25
N GLY C 203 -24.45 23.22 7.96
CA GLY C 203 -25.75 23.51 8.53
C GLY C 203 -26.18 24.93 8.30
N SER C 204 -25.48 25.61 7.38
CA SER C 204 -25.78 27.00 7.05
C SER C 204 -26.37 27.13 5.66
N THR C 205 -27.34 28.01 5.53
CA THR C 205 -28.01 28.21 4.25
C THR C 205 -27.77 29.60 3.67
N VAL C 206 -27.10 29.64 2.52
CA VAL C 206 -26.97 30.87 1.73
C VAL C 206 -28.10 30.96 0.67
N GLU C 207 -28.95 31.99 0.75
CA GLU C 207 -30.08 32.14 -0.20
C GLU C 207 -29.96 33.36 -1.14
N LYS C 208 -30.28 33.17 -2.44
CA LYS C 208 -30.25 34.26 -3.44
C LYS C 208 -31.59 34.39 -4.20
N THR C 209 -31.96 35.59 -4.64
CA THR C 209 -33.25 35.79 -5.33
C THR C 209 -33.19 36.53 -6.68
N VAL C 210 -34.17 36.24 -7.54
CA VAL C 210 -34.38 36.98 -8.76
C VAL C 210 -35.87 37.23 -8.95
N ALA C 211 -36.20 38.27 -9.69
CA ALA C 211 -37.59 38.63 -9.94
C ALA C 211 -37.81 39.08 -11.37
N PRO C 212 -39.00 38.80 -11.94
CA PRO C 212 -39.41 39.34 -13.25
C PRO C 212 -39.73 40.84 -13.21
N LYS D 5 41.47 11.56 11.73
CA LYS D 5 40.48 11.61 12.79
C LYS D 5 40.26 10.21 13.38
N ARG D 6 39.76 10.17 14.61
CA ARG D 6 39.51 8.91 15.31
C ARG D 6 38.17 8.27 14.89
N ILE D 7 38.24 7.30 13.98
CA ILE D 7 37.06 6.61 13.48
C ILE D 7 36.43 5.67 14.54
N HIS D 8 35.10 5.58 14.57
CA HIS D 8 34.40 4.73 15.54
C HIS D 8 33.30 3.90 14.88
N ILE D 9 33.39 2.59 15.05
CA ILE D 9 32.54 1.63 14.33
C ILE D 9 31.47 1.00 15.22
N GLY D 10 30.26 0.87 14.71
CA GLY D 10 29.22 0.11 15.39
C GLY D 10 28.61 0.68 16.66
N PRO D 11 27.56 0.01 17.17
CA PRO D 11 26.80 0.40 18.36
C PRO D 11 27.64 0.36 19.64
N GLY D 12 28.77 -0.33 19.60
CA GLY D 12 29.66 -0.37 20.76
C GLY D 12 30.60 0.80 20.65
N ARG D 13 30.42 1.58 19.57
CA ARG D 13 31.34 2.66 19.15
C ARG D 13 32.79 2.37 19.42
N ALA D 14 33.33 1.31 18.81
CA ALA D 14 34.70 0.87 19.06
C ALA D 14 35.75 1.57 18.20
N PHE D 15 36.93 1.77 18.77
CA PHE D 15 38.00 2.47 18.08
C PHE D 15 38.62 1.60 16.99
N TYR D 16 38.69 2.15 15.77
CA TYR D 16 39.10 1.38 14.60
C TYR D 16 40.49 1.74 14.10
N THR D 17 40.60 2.74 13.22
CA THR D 17 41.92 3.29 12.84
C THR D 17 41.91 4.82 12.80
N GLU E 1 32.35 -20.01 17.60
CA GLU E 1 32.87 -20.13 18.97
C GLU E 1 32.39 -19.03 19.92
N VAL E 2 32.28 -17.80 19.41
CA VAL E 2 31.93 -16.62 20.21
C VAL E 2 30.44 -16.61 20.54
N HIS E 3 30.12 -16.58 21.82
CA HIS E 3 28.73 -16.61 22.25
C HIS E 3 28.39 -15.53 23.28
N LEU E 4 27.27 -14.84 23.06
CA LEU E 4 26.72 -13.91 24.06
C LEU E 4 25.41 -14.51 24.56
N VAL E 5 25.33 -14.75 25.87
CA VAL E 5 24.16 -15.44 26.42
C VAL E 5 23.47 -14.58 27.48
N GLU E 6 22.34 -14.02 27.07
CA GLU E 6 21.57 -13.12 27.91
C GLU E 6 20.53 -13.84 28.79
N SER E 7 20.54 -13.50 30.06
CA SER E 7 19.57 -14.02 31.01
C SER E 7 18.93 -12.87 31.76
N GLY E 8 17.85 -13.14 32.49
CA GLY E 8 17.18 -12.13 33.29
C GLY E 8 15.90 -11.60 32.67
N GLY E 9 15.42 -12.28 31.62
CA GLY E 9 14.23 -11.86 30.92
C GLY E 9 12.95 -12.13 31.71
N GLY E 10 11.90 -11.38 31.42
CA GLY E 10 10.65 -11.63 32.11
C GLY E 10 9.66 -10.49 32.11
N LEU E 11 8.60 -10.71 32.87
CA LEU E 11 7.51 -9.76 32.99
C LEU E 11 7.69 -8.94 34.26
N VAL E 12 7.47 -7.64 34.14
CA VAL E 12 7.62 -6.71 35.25
C VAL E 12 6.55 -5.64 35.12
N GLN E 13 5.94 -5.26 36.23
CA GLN E 13 4.86 -4.31 36.22
C GLN E 13 5.35 -2.91 35.82
N PRO E 14 4.44 -2.08 35.29
CA PRO E 14 4.80 -0.69 34.98
C PRO E 14 5.39 0.04 36.20
N GLY E 15 6.51 0.70 36.00
CA GLY E 15 7.22 1.36 37.10
C GLY E 15 8.17 0.45 37.86
N GLY E 16 8.19 -0.83 37.48
CA GLY E 16 9.04 -1.78 38.17
C GLY E 16 10.45 -1.78 37.62
N SER E 17 11.31 -2.55 38.28
CA SER E 17 12.70 -2.62 37.90
C SER E 17 13.02 -4.00 37.36
N LEU E 18 14.13 -4.12 36.64
CA LEU E 18 14.50 -5.38 36.05
C LEU E 18 15.96 -5.31 35.63
N ARG E 19 16.75 -6.35 35.96
CA ARG E 19 18.15 -6.39 35.57
C ARG E 19 18.45 -7.48 34.57
N LEU E 20 19.02 -7.11 33.43
CA LEU E 20 19.43 -8.09 32.44
C LEU E 20 20.92 -8.27 32.52
N SER E 21 21.37 -9.51 32.37
CA SER E 21 22.81 -9.75 32.24
C SER E 21 23.12 -10.45 30.93
N CYS E 22 24.39 -10.42 30.57
CA CYS E 22 24.84 -11.00 29.33
C CYS E 22 26.26 -11.48 29.53
N GLU E 23 26.48 -12.76 29.71
CA GLU E 23 27.87 -13.16 29.87
C GLU E 23 28.51 -13.48 28.52
N VAL E 24 29.79 -13.18 28.41
CA VAL E 24 30.49 -13.34 27.14
C VAL E 24 31.55 -14.42 27.25
N SER E 25 31.63 -15.24 26.20
CA SER E 25 32.70 -16.23 26.09
C SER E 25 33.17 -16.23 24.65
N GLY E 26 34.46 -16.46 24.47
CA GLY E 26 35.04 -16.45 23.14
C GLY E 26 35.72 -15.14 22.83
N LEU E 27 35.60 -14.15 23.72
CA LEU E 27 36.32 -12.89 23.56
C LEU E 27 37.15 -12.51 24.78
N THR E 28 38.19 -11.73 24.56
CA THR E 28 38.87 -11.08 25.67
C THR E 28 37.94 -9.95 26.12
N PHE E 29 37.20 -10.22 27.17
CA PHE E 29 36.14 -9.33 27.65
C PHE E 29 36.68 -7.95 28.07
N SER E 30 37.89 -7.92 28.59
CA SER E 30 38.48 -6.66 29.03
C SER E 30 38.74 -5.71 27.82
N ASN E 31 38.79 -6.28 26.62
CA ASN E 31 39.00 -5.50 25.39
C ASN E 31 37.73 -5.27 24.56
N SER E 32 36.58 -5.65 25.09
CA SER E 32 35.35 -5.56 24.31
C SER E 32 34.49 -4.34 24.60
N TRP E 33 34.09 -3.66 23.53
CA TRP E 33 33.09 -2.61 23.59
C TRP E 33 31.72 -3.28 23.66
N MET E 34 31.01 -3.04 24.76
CA MET E 34 29.70 -3.67 24.98
C MET E 34 28.56 -2.69 24.71
N SER E 35 27.48 -3.19 24.12
CA SER E 35 26.34 -2.34 23.81
C SER E 35 25.01 -3.09 23.96
N TRP E 36 23.91 -2.35 23.99
CA TRP E 36 22.58 -2.93 24.02
C TRP E 36 21.69 -2.35 22.90
N VAL E 37 20.98 -3.24 22.21
CA VAL E 37 19.96 -2.82 21.24
C VAL E 37 18.67 -3.56 21.56
N ARG E 38 17.53 -2.89 21.40
CA ARG E 38 16.25 -3.56 21.62
C ARG E 38 15.36 -3.49 20.38
N GLN E 39 14.46 -4.46 20.28
CA GLN E 39 13.53 -4.55 19.18
C GLN E 39 12.12 -4.77 19.70
N ALA E 40 11.30 -3.72 19.65
CA ALA E 40 9.92 -3.82 20.12
C ALA E 40 9.13 -4.76 19.20
N PRO E 41 8.15 -5.50 19.76
CA PRO E 41 7.37 -6.48 18.99
C PRO E 41 6.99 -6.00 17.58
N GLY E 42 7.58 -6.61 16.55
CA GLY E 42 7.24 -6.30 15.17
C GLY E 42 7.62 -4.90 14.70
N LYS E 43 8.68 -4.33 15.28
CA LYS E 43 9.16 -3.01 14.88
C LYS E 43 10.66 -3.09 14.59
N GLY E 44 11.30 -1.95 14.43
CA GLY E 44 12.72 -1.92 14.05
C GLY E 44 13.69 -2.14 15.21
N LEU E 45 14.97 -1.88 14.93
CA LEU E 45 16.00 -2.00 15.96
C LEU E 45 16.28 -0.64 16.56
N GLU E 46 16.48 -0.61 17.87
CA GLU E 46 16.57 0.67 18.59
C GLU E 46 17.70 0.63 19.61
N TRP E 47 18.70 1.49 19.42
CA TRP E 47 19.90 1.49 20.25
C TRP E 47 19.61 1.95 21.67
N VAL E 48 20.17 1.24 22.64
CA VAL E 48 19.93 1.52 24.05
C VAL E 48 21.15 2.20 24.68
N GLY E 49 22.33 1.69 24.39
CA GLY E 49 23.54 2.33 24.84
C GLY E 49 24.79 1.47 24.72
N PHE E 50 25.89 1.96 25.28
CA PHE E 50 27.13 1.20 25.29
C PHE E 50 27.98 1.57 26.49
N ILE E 51 28.80 0.62 26.93
CA ILE E 51 29.78 0.92 27.97
C ILE E 51 31.14 0.68 27.34
N LYS E 52 32.15 1.48 27.71
CA LYS E 52 33.45 1.38 27.06
C LYS E 52 34.35 0.43 27.79
N THR E 53 35.43 -0.02 27.13
CA THR E 53 36.46 -0.86 27.76
C THR E 53 37.13 -0.05 28.85
N LYS E 54 37.69 -0.72 29.85
CA LYS E 54 38.13 0.00 31.04
C LYS E 54 39.48 0.68 30.82
N ALA E 55 40.19 0.31 29.75
CA ALA E 55 41.39 1.06 29.35
C ALA E 55 40.97 2.40 28.72
N ASP E 56 39.73 2.43 28.22
CA ASP E 56 39.04 3.69 27.97
C ASP E 56 38.39 4.15 29.28
N GLY E 57 37.35 4.96 29.19
CA GLY E 57 36.71 5.50 30.38
C GLY E 57 36.05 4.52 31.36
N GLY E 58 35.62 3.36 30.86
CA GLY E 58 34.82 2.44 31.65
C GLY E 58 33.41 2.99 31.70
N THR E 59 33.20 4.08 30.97
CA THR E 59 31.99 4.86 31.08
C THR E 59 30.93 4.47 30.05
N ALA E 60 29.67 4.68 30.43
CA ALA E 60 28.56 4.29 29.58
C ALA E 60 27.82 5.52 29.03
N ALA E 61 26.98 5.30 28.02
CA ALA E 61 26.15 6.37 27.44
C ALA E 61 24.86 5.75 26.92
N TYR E 62 23.83 6.57 26.74
CA TYR E 62 22.49 6.06 26.54
C TYR E 62 21.69 6.83 25.52
N ALA E 63 20.67 6.15 24.98
CA ALA E 63 19.62 6.80 24.19
C ALA E 63 18.80 7.76 25.08
N GLU E 64 18.32 8.86 24.53
CA GLU E 64 17.68 9.92 25.32
C GLU E 64 16.40 9.39 25.99
N SER E 65 15.72 8.47 25.32
CA SER E 65 14.53 7.81 25.87
C SER E 65 14.82 7.05 27.18
N VAL E 66 16.06 6.62 27.41
CA VAL E 66 16.33 5.82 28.62
C VAL E 66 17.28 6.47 29.63
N LYS E 67 17.79 7.66 29.34
CA LYS E 67 18.68 8.35 30.28
C LYS E 67 18.00 8.49 31.64
N GLY E 68 18.72 8.11 32.69
CA GLY E 68 18.21 8.23 34.04
C GLY E 68 17.46 7.00 34.54
N ARG E 69 16.98 6.18 33.63
CA ARG E 69 16.19 5.01 34.00
C ARG E 69 17.02 3.75 33.85
N PHE E 70 17.72 3.66 32.74
CA PHE E 70 18.59 2.53 32.46
C PHE E 70 20.04 2.86 32.82
N THR E 71 20.73 1.89 33.42
CA THR E 71 22.16 2.01 33.65
C THR E 71 22.87 0.75 33.12
N ILE E 72 23.93 0.94 32.35
CA ILE E 72 24.73 -0.18 31.85
C ILE E 72 26.00 -0.26 32.67
N SER E 73 26.30 -1.45 33.19
CA SER E 73 27.50 -1.65 33.97
C SER E 73 28.18 -2.94 33.54
N ARG E 74 29.47 -3.04 33.78
CA ARG E 74 30.20 -4.26 33.45
C ARG E 74 30.93 -4.77 34.68
N ASP E 75 31.08 -6.09 34.76
CA ASP E 75 31.91 -6.72 35.79
C ASP E 75 33.02 -7.55 35.13
N ASP E 76 34.13 -6.88 34.80
CA ASP E 76 35.23 -7.47 34.02
C ASP E 76 35.70 -8.83 34.54
N SER E 77 35.40 -9.13 35.80
CA SER E 77 35.86 -10.36 36.41
C SER E 77 35.06 -11.57 35.91
N LYS E 78 33.74 -11.51 36.05
CA LYS E 78 32.89 -12.65 35.73
C LYS E 78 32.49 -12.69 34.25
N ASN E 79 33.18 -11.88 33.43
CA ASN E 79 32.94 -11.79 32.00
C ASN E 79 31.50 -11.40 31.62
N THR E 80 30.91 -10.49 32.40
CA THR E 80 29.48 -10.19 32.27
C THR E 80 29.19 -8.69 32.17
N VAL E 81 28.19 -8.32 31.37
CA VAL E 81 27.75 -6.94 31.29
C VAL E 81 26.25 -6.83 31.62
N PHE E 82 25.89 -5.83 32.43
CA PHE E 82 24.51 -5.67 32.92
C PHE E 82 23.77 -4.51 32.33
N LEU E 83 22.47 -4.65 32.24
CA LEU E 83 21.59 -3.55 31.88
C LEU E 83 20.51 -3.43 32.95
N GLN E 84 20.71 -2.50 33.87
CA GLN E 84 19.74 -2.31 34.96
C GLN E 84 18.62 -1.38 34.51
N MET E 85 17.39 -1.85 34.65
CA MET E 85 16.25 -1.06 34.22
C MET E 85 15.40 -0.73 35.42
N LYS E 86 15.15 0.56 35.63
CA LYS E 86 14.21 1.02 36.66
C LYS E 86 13.13 1.84 35.98
N SER E 87 12.07 2.18 36.71
CA SER E 87 10.93 2.93 36.16
C SER E 87 10.51 2.51 34.73
N LEU E 88 10.23 1.23 34.52
CA LEU E 88 9.86 0.78 33.18
C LEU E 88 8.48 1.27 32.77
N LYS E 89 8.36 1.67 31.51
CA LYS E 89 7.09 1.95 30.86
C LYS E 89 6.69 0.74 30.00
N THR E 90 5.49 0.78 29.44
CA THR E 90 5.04 -0.27 28.53
C THR E 90 5.79 -0.23 27.21
N GLU E 91 6.25 0.94 26.81
CA GLU E 91 7.01 1.08 25.58
C GLU E 91 8.31 0.30 25.64
N ASP E 92 8.79 0.05 26.85
CA ASP E 92 10.07 -0.61 27.06
C ASP E 92 10.00 -2.08 26.70
N THR E 93 8.77 -2.56 26.47
CA THR E 93 8.54 -3.93 26.01
C THR E 93 9.28 -4.23 24.73
N ALA E 94 10.25 -5.14 24.80
CA ALA E 94 11.07 -5.45 23.62
C ALA E 94 11.91 -6.70 23.82
N VAL E 95 12.48 -7.17 22.73
CA VAL E 95 13.57 -8.12 22.83
C VAL E 95 14.82 -7.29 23.02
N TYR E 96 15.52 -7.46 24.12
CA TYR E 96 16.77 -6.73 24.30
C TYR E 96 17.93 -7.61 23.85
N TYR E 97 18.82 -7.04 23.03
CA TYR E 97 20.01 -7.74 22.56
C TYR E 97 21.28 -7.06 23.04
N CYS E 98 22.28 -7.85 23.43
CA CYS E 98 23.56 -7.23 23.75
C CYS E 98 24.59 -7.53 22.64
N GLN E 99 25.54 -6.62 22.43
CA GLN E 99 26.60 -6.86 21.44
C GLN E 99 27.96 -6.67 22.06
N GLY E 100 28.90 -7.48 21.60
CA GLY E 100 30.28 -7.34 21.99
C GLY E 100 31.07 -7.03 20.75
N ALA E 101 32.00 -6.10 20.87
CA ALA E 101 32.86 -5.76 19.75
C ALA E 101 34.31 -5.71 20.23
N VAL E 102 35.23 -6.24 19.43
CA VAL E 102 36.66 -6.04 19.67
C VAL E 102 37.26 -5.69 18.32
N VAL E 103 38.46 -5.11 18.32
CA VAL E 103 39.21 -4.97 17.09
C VAL E 103 40.54 -5.73 17.20
N ILE E 104 40.72 -6.76 16.38
CA ILE E 104 41.93 -7.57 16.40
C ILE E 104 42.71 -7.48 15.08
N SER E 105 43.93 -6.93 15.14
CA SER E 105 44.79 -6.81 13.96
C SER E 105 44.07 -6.10 12.82
N HIS E 106 43.61 -4.87 13.06
CA HIS E 106 43.00 -4.05 12.01
C HIS E 106 41.72 -4.68 11.42
N GLU E 107 41.03 -5.50 12.18
CA GLU E 107 39.80 -6.11 11.68
C GLU E 107 38.69 -6.09 12.73
N TYR E 108 37.52 -5.60 12.35
CA TYR E 108 36.43 -5.39 13.29
C TYR E 108 35.46 -6.56 13.26
N ILE E 109 35.09 -7.04 14.43
CA ILE E 109 34.04 -8.04 14.49
C ILE E 109 33.14 -7.80 15.70
N GLU E 110 31.87 -8.11 15.49
CA GLU E 110 30.80 -7.71 16.38
C GLU E 110 29.84 -8.88 16.43
N ILE E 111 29.57 -9.40 17.62
CA ILE E 111 28.67 -10.53 17.74
C ILE E 111 27.57 -10.30 18.78
N TRP E 112 26.40 -10.86 18.50
CA TRP E 112 25.18 -10.65 19.26
C TRP E 112 24.69 -11.86 20.05
N GLY E 113 24.07 -11.57 21.18
CA GLY E 113 23.31 -12.55 21.93
C GLY E 113 22.00 -12.93 21.27
N GLN E 114 21.48 -14.08 21.66
CA GLN E 114 20.20 -14.58 21.15
C GLN E 114 19.03 -13.69 21.54
N GLY E 115 19.23 -12.82 22.55
CA GLY E 115 18.21 -11.86 22.96
C GLY E 115 17.36 -12.30 24.14
N ALA E 116 16.83 -11.32 24.88
CA ALA E 116 15.98 -11.57 26.06
C ALA E 116 14.71 -10.72 26.02
N LEU E 117 13.55 -11.36 26.10
CA LEU E 117 12.28 -10.62 26.07
C LEU E 117 11.92 -9.96 27.41
N VAL E 118 11.63 -8.67 27.35
CA VAL E 118 11.19 -7.94 28.52
C VAL E 118 9.79 -7.39 28.30
N THR E 119 8.84 -7.92 29.07
CA THR E 119 7.45 -7.50 28.94
C THR E 119 7.03 -6.61 30.11
N VAL E 120 6.50 -5.43 29.83
CA VAL E 120 6.05 -4.58 30.91
C VAL E 120 4.53 -4.53 30.89
N SER E 121 3.91 -5.07 31.94
CA SER E 121 2.45 -5.22 31.95
C SER E 121 1.88 -5.48 33.34
N SER E 122 0.65 -5.05 33.55
CA SER E 122 0.02 -5.32 34.84
C SER E 122 -0.78 -6.59 34.75
N ALA E 123 -0.63 -7.29 33.63
CA ALA E 123 -1.26 -8.59 33.44
C ALA E 123 -0.51 -9.61 34.28
N SER E 124 -1.18 -10.71 34.63
CA SER E 124 -0.58 -11.72 35.49
C SER E 124 0.24 -12.74 34.71
N THR E 125 1.25 -13.30 35.35
CA THR E 125 1.93 -14.45 34.84
C THR E 125 0.98 -15.63 34.94
N LYS E 126 0.98 -16.50 33.94
CA LYS E 126 0.23 -17.74 34.02
C LYS E 126 1.05 -18.84 33.41
N GLY E 127 1.12 -19.98 34.10
CA GLY E 127 1.86 -21.12 33.59
C GLY E 127 1.02 -21.95 32.65
N PRO E 128 1.69 -22.68 31.75
CA PRO E 128 0.97 -23.50 30.79
C PRO E 128 0.56 -24.81 31.40
N SER E 129 -0.55 -25.38 30.90
CA SER E 129 -0.77 -26.82 31.02
C SER E 129 0.02 -27.48 29.90
N VAL E 130 0.45 -28.72 30.13
CA VAL E 130 1.19 -29.43 29.09
C VAL E 130 0.52 -30.74 28.80
N PHE E 131 0.12 -30.93 27.55
CA PHE E 131 -0.59 -32.15 27.19
C PHE E 131 0.19 -32.92 26.15
N PRO E 132 0.13 -34.27 26.22
CA PRO E 132 0.85 -35.07 25.23
C PRO E 132 0.02 -35.23 23.97
N LEU E 133 0.65 -35.06 22.82
CA LEU E 133 -0.01 -35.30 21.55
C LEU E 133 0.40 -36.68 21.04
N ALA E 134 -0.50 -37.64 21.23
CA ALA E 134 -0.22 -39.04 20.89
C ALA E 134 -0.69 -39.36 19.48
N PRO E 135 0.14 -40.09 18.72
CA PRO E 135 -0.20 -40.45 17.34
C PRO E 135 -1.48 -41.27 17.25
N SER E 136 -2.24 -41.11 16.17
CA SER E 136 -3.46 -41.89 15.97
C SER E 136 -3.12 -43.34 15.61
N SER E 137 -4.13 -44.15 15.28
CA SER E 137 -3.85 -45.52 14.85
C SER E 137 -3.28 -45.52 13.43
N ARG E 138 -3.55 -44.45 12.69
CA ARG E 138 -3.08 -44.32 11.31
C ARG E 138 -1.60 -44.00 11.23
N SER E 139 -1.15 -43.07 12.07
CA SER E 139 0.24 -42.61 12.04
C SER E 139 1.16 -43.67 12.67
N THR E 140 0.62 -44.50 13.56
CA THR E 140 1.37 -45.63 14.14
C THR E 140 1.26 -46.85 13.23
N SER E 141 1.42 -46.59 11.94
CA SER E 141 1.29 -47.61 10.92
C SER E 141 2.17 -47.19 9.74
N GLU E 142 2.57 -45.93 9.74
CA GLU E 142 3.49 -45.42 8.73
C GLU E 142 4.92 -45.78 9.14
N SER E 143 5.86 -45.65 8.21
CA SER E 143 7.28 -45.79 8.51
C SER E 143 7.71 -44.97 9.74
N THR E 144 7.22 -43.75 9.85
CA THR E 144 7.57 -42.88 10.95
C THR E 144 6.31 -42.23 11.52
N ALA E 145 6.24 -42.08 12.84
CA ALA E 145 5.10 -41.41 13.45
C ALA E 145 5.53 -40.13 14.13
N ALA E 146 4.60 -39.21 14.21
CA ALA E 146 4.88 -37.92 14.82
C ALA E 146 4.14 -37.87 16.15
N LEU E 147 4.86 -37.56 17.22
CA LEU E 147 4.19 -37.34 18.51
C LEU E 147 4.58 -35.97 19.05
N GLY E 148 3.81 -35.44 19.99
CA GLY E 148 4.12 -34.10 20.42
C GLY E 148 3.72 -33.67 21.81
N CYS E 149 3.85 -32.37 22.03
CA CYS E 149 3.52 -31.74 23.28
C CYS E 149 2.75 -30.44 22.98
N LEU E 150 1.55 -30.33 23.53
CA LEU E 150 0.83 -29.08 23.46
C LEU E 150 1.12 -28.31 24.72
N VAL E 151 1.54 -27.07 24.55
CA VAL E 151 1.86 -26.18 25.68
C VAL E 151 0.89 -25.02 25.69
N LYS E 152 -0.21 -25.11 26.43
CA LYS E 152 -1.25 -24.10 26.22
C LYS E 152 -1.56 -23.17 27.40
N ASP E 153 -1.92 -21.94 27.00
CA ASP E 153 -2.43 -20.89 27.89
C ASP E 153 -1.39 -20.43 28.91
N TYR E 154 -0.32 -19.83 28.42
CA TYR E 154 0.74 -19.30 29.27
C TYR E 154 1.02 -17.84 28.92
N PHE E 155 1.59 -17.10 29.87
CA PHE E 155 1.98 -15.71 29.69
C PHE E 155 3.07 -15.37 30.67
N PRO E 156 4.09 -14.62 30.22
CA PRO E 156 4.30 -14.17 28.83
C PRO E 156 5.17 -15.15 28.09
N GLU E 157 5.67 -14.77 26.93
CA GLU E 157 6.69 -15.55 26.23
C GLU E 157 8.00 -15.38 26.99
N PRO E 158 8.94 -16.32 26.85
CA PRO E 158 8.86 -17.51 26.00
C PRO E 158 8.79 -18.81 26.79
N VAL E 159 8.48 -19.92 26.12
CA VAL E 159 8.78 -21.24 26.68
C VAL E 159 9.89 -21.86 25.89
N THR E 160 10.63 -22.76 26.53
CA THR E 160 11.58 -23.59 25.81
C THR E 160 11.09 -25.04 25.83
N VAL E 161 11.49 -25.82 24.83
CA VAL E 161 11.11 -27.21 24.76
C VAL E 161 12.29 -28.03 24.31
N SER E 162 12.54 -29.14 24.99
CA SER E 162 13.51 -30.09 24.50
C SER E 162 12.84 -31.48 24.56
N TRP E 163 13.56 -32.53 24.17
CA TRP E 163 13.03 -33.90 24.16
C TRP E 163 14.08 -34.85 24.75
N ASN E 164 13.67 -35.64 25.74
CA ASN E 164 14.60 -36.46 26.53
C ASN E 164 15.81 -35.66 26.99
N SER E 165 15.56 -34.60 27.75
CA SER E 165 16.61 -33.76 28.29
C SER E 165 17.56 -33.28 27.20
N GLY E 166 17.01 -33.09 26.00
CA GLY E 166 17.79 -32.57 24.89
C GLY E 166 18.73 -33.55 24.24
N SER E 167 18.57 -34.84 24.52
CA SER E 167 19.40 -35.83 23.86
C SER E 167 18.67 -36.35 22.64
N LEU E 168 17.69 -35.57 22.17
CA LEU E 168 17.00 -35.89 20.92
C LEU E 168 16.94 -34.62 20.05
N THR E 169 17.92 -34.47 19.17
CA THR E 169 18.01 -33.31 18.29
C THR E 169 17.21 -33.50 17.01
N SER E 170 17.34 -34.67 16.41
CA SER E 170 16.87 -34.91 15.05
C SER E 170 15.36 -35.18 14.94
N GLY E 171 14.73 -34.46 14.02
CA GLY E 171 13.31 -34.63 13.76
C GLY E 171 12.44 -33.81 14.69
N VAL E 172 13.06 -32.90 15.43
CA VAL E 172 12.34 -32.05 16.38
C VAL E 172 11.91 -30.73 15.73
N HIS E 173 10.63 -30.42 15.81
CA HIS E 173 10.19 -29.11 15.37
C HIS E 173 9.30 -28.45 16.43
N THR E 174 9.74 -27.30 16.93
CA THR E 174 8.95 -26.55 17.87
C THR E 174 8.31 -25.34 17.16
N PHE E 175 6.98 -25.28 17.18
CA PHE E 175 6.26 -24.28 16.39
C PHE E 175 6.09 -22.96 17.16
N PRO E 176 6.25 -21.83 16.47
CA PRO E 176 6.02 -20.54 17.16
C PRO E 176 4.61 -20.42 17.74
N ALA E 177 4.47 -19.61 18.79
CA ALA E 177 3.22 -19.54 19.53
C ALA E 177 2.10 -18.81 18.80
N VAL E 178 0.89 -19.21 19.10
CA VAL E 178 -0.27 -18.44 18.70
C VAL E 178 -0.64 -17.57 19.90
N LEU E 179 -1.13 -16.36 19.63
CA LEU E 179 -1.64 -15.49 20.67
C LEU E 179 -3.16 -15.45 20.60
N GLN E 180 -3.80 -15.95 21.64
CA GLN E 180 -5.25 -16.02 21.62
C GLN E 180 -5.86 -14.72 22.14
N SER E 181 -7.17 -14.60 21.96
CA SER E 181 -7.87 -13.40 22.32
C SER E 181 -7.86 -13.20 23.84
N SER E 182 -7.47 -14.26 24.56
CA SER E 182 -7.37 -14.22 26.02
C SER E 182 -6.15 -13.44 26.50
N GLY E 183 -5.21 -13.20 25.60
CA GLY E 183 -3.98 -12.54 25.95
C GLY E 183 -2.94 -13.60 26.20
N LEU E 184 -3.36 -14.87 26.11
CA LEU E 184 -2.47 -15.99 26.45
C LEU E 184 -1.91 -16.70 25.20
N TYR E 185 -0.76 -17.38 25.41
CA TYR E 185 -0.08 -18.11 24.35
C TYR E 185 -0.23 -19.64 24.42
N SER E 186 -0.22 -20.28 23.25
CA SER E 186 -0.04 -21.73 23.13
C SER E 186 0.97 -22.02 22.04
N LEU E 187 1.72 -23.10 22.21
CA LEU E 187 2.53 -23.65 21.14
C LEU E 187 2.61 -25.18 21.16
N SER E 188 3.29 -25.72 20.18
CA SER E 188 3.36 -27.15 20.02
C SER E 188 4.75 -27.51 19.59
N SER E 189 5.20 -28.64 20.09
CA SER E 189 6.44 -29.19 19.61
C SER E 189 6.14 -30.62 19.19
N VAL E 190 6.47 -30.96 17.95
CA VAL E 190 6.44 -32.36 17.54
C VAL E 190 7.83 -32.91 17.32
N VAL E 191 8.02 -34.15 17.71
CA VAL E 191 9.17 -34.88 17.21
C VAL E 191 8.65 -36.03 16.33
N THR E 192 9.34 -36.27 15.23
CA THR E 192 8.92 -37.33 14.32
C THR E 192 9.90 -38.49 14.47
N VAL E 193 9.39 -39.66 14.83
CA VAL E 193 10.24 -40.81 15.16
C VAL E 193 9.91 -42.10 14.37
N PRO E 194 10.88 -43.02 14.25
CA PRO E 194 10.57 -44.31 13.60
C PRO E 194 9.49 -45.08 14.37
N SER E 195 8.56 -45.69 13.65
CA SER E 195 7.40 -46.31 14.30
C SER E 195 7.71 -47.61 15.03
N SER E 196 8.81 -48.25 14.65
CA SER E 196 9.25 -49.49 15.29
C SER E 196 9.65 -49.29 16.75
N SER E 197 10.14 -48.09 17.06
CA SER E 197 10.53 -47.76 18.42
C SER E 197 9.42 -46.99 19.13
N LEU E 198 8.21 -47.53 19.12
CA LEU E 198 7.12 -47.00 19.93
C LEU E 198 6.74 -48.00 21.01
N GLY E 199 7.75 -48.60 21.62
CA GLY E 199 7.57 -49.57 22.69
C GLY E 199 8.84 -49.66 23.49
N THR E 200 9.95 -49.85 22.78
CA THR E 200 11.27 -49.95 23.41
C THR E 200 11.78 -48.60 23.92
N GLN E 201 11.55 -47.55 23.14
CA GLN E 201 12.01 -46.21 23.49
C GLN E 201 10.97 -45.44 24.29
N THR E 202 11.41 -44.37 24.94
CA THR E 202 10.52 -43.52 25.72
C THR E 202 10.67 -42.08 25.25
N TYR E 203 9.57 -41.40 25.04
CA TYR E 203 9.64 -40.02 24.59
C TYR E 203 9.07 -39.07 25.64
N VAL E 204 9.95 -38.20 26.12
CA VAL E 204 9.63 -37.22 27.14
C VAL E 204 9.89 -35.81 26.63
N CYS E 205 8.84 -35.01 26.61
CA CYS E 205 8.91 -33.57 26.32
C CYS E 205 9.30 -32.70 27.55
N ASN E 206 10.30 -31.83 27.40
CA ASN E 206 10.81 -31.00 28.50
C ASN E 206 10.44 -29.53 28.35
N VAL E 207 9.32 -29.14 28.94
CA VAL E 207 8.87 -27.78 28.82
C VAL E 207 9.38 -26.92 29.98
N ASN E 208 9.92 -25.76 29.66
CA ASN E 208 10.33 -24.81 30.67
C ASN E 208 9.64 -23.46 30.40
N HIS E 209 9.02 -22.89 31.45
CA HIS E 209 8.46 -21.55 31.38
C HIS E 209 8.93 -20.78 32.61
N LYS E 210 10.12 -20.20 32.48
CA LYS E 210 10.78 -19.52 33.60
C LYS E 210 9.97 -18.40 34.24
N PRO E 211 8.98 -17.81 33.54
CA PRO E 211 8.27 -16.86 34.42
C PRO E 211 7.28 -17.46 35.45
N SER E 212 6.91 -18.73 35.33
CA SER E 212 5.86 -19.30 36.18
C SER E 212 6.38 -20.35 37.17
N ASN E 213 7.63 -20.71 37.00
CA ASN E 213 8.38 -21.71 37.78
C ASN E 213 7.95 -23.07 37.29
N THR E 214 7.24 -23.06 36.17
CA THR E 214 6.77 -24.29 35.57
C THR E 214 7.90 -24.92 34.79
N LYS E 215 8.48 -26.00 35.29
CA LYS E 215 9.21 -26.89 34.39
C LYS E 215 8.53 -28.24 34.45
N VAL E 216 8.04 -28.70 33.32
CA VAL E 216 7.40 -30.00 33.22
C VAL E 216 8.16 -30.89 32.25
N ASP E 217 8.39 -32.12 32.65
CA ASP E 217 8.94 -33.11 31.74
C ASP E 217 7.83 -34.15 31.56
N LYS E 218 7.07 -34.02 30.47
CA LYS E 218 5.87 -34.82 30.31
C LYS E 218 6.04 -35.98 29.30
N ARG E 219 5.61 -37.15 29.73
CA ARG E 219 5.76 -38.38 28.96
C ARG E 219 4.57 -38.58 28.02
N VAL E 220 4.84 -39.20 26.88
CA VAL E 220 3.79 -39.50 25.93
C VAL E 220 3.65 -41.00 25.74
N GLU E 221 2.64 -41.59 26.41
CA GLU E 221 2.40 -43.01 26.25
C GLU E 221 1.46 -43.19 25.06
N ILE E 222 1.35 -44.43 24.58
CA ILE E 222 0.43 -44.73 23.49
C ILE E 222 -0.40 -45.95 23.86
N LYS E 223 -1.72 -45.84 23.64
CA LYS E 223 -2.63 -46.97 23.85
C LYS E 223 -4.03 -46.63 23.34
N SER F 2 18.23 13.49 11.73
CA SER F 2 17.69 12.74 10.59
C SER F 2 17.54 11.22 10.86
N VAL F 3 16.82 10.56 9.96
CA VAL F 3 16.54 9.14 10.09
C VAL F 3 16.98 8.46 8.80
N LEU F 4 17.61 7.29 8.93
CA LEU F 4 18.05 6.55 7.76
C LEU F 4 16.85 5.86 7.11
N THR F 5 16.56 6.19 5.86
CA THR F 5 15.36 5.65 5.22
C THR F 5 15.68 4.58 4.18
N GLN F 6 14.99 3.44 4.30
CA GLN F 6 15.11 2.29 3.40
C GLN F 6 13.76 1.94 2.77
N PRO F 7 13.79 1.42 1.52
CA PRO F 7 12.61 0.78 0.91
C PRO F 7 12.02 -0.28 1.84
N PRO F 8 10.69 -0.28 2.00
CA PRO F 8 10.02 -1.24 2.90
C PRO F 8 10.21 -2.69 2.47
N SER F 9 10.34 -2.91 1.17
CA SER F 9 10.34 -4.27 0.62
C SER F 9 11.21 -4.31 -0.63
N ALA F 10 11.65 -5.49 -1.00
CA ALA F 10 12.37 -5.68 -2.25
C ALA F 10 12.13 -7.09 -2.78
N SER F 11 11.91 -7.21 -4.08
CA SER F 11 11.67 -8.51 -4.68
C SER F 11 12.59 -8.68 -5.88
N GLU F 12 13.31 -9.80 -5.93
CA GLU F 12 14.14 -10.09 -7.10
C GLU F 12 14.37 -11.59 -7.26
N ALA F 13 14.72 -12.01 -8.46
CA ALA F 13 14.86 -13.41 -8.82
C ALA F 13 16.09 -14.05 -8.20
N ALA F 14 15.90 -15.28 -7.72
CA ALA F 14 16.99 -16.17 -7.36
C ALA F 14 18.09 -16.14 -8.43
N ARG F 15 19.34 -16.19 -7.98
CA ARG F 15 20.52 -16.18 -8.85
C ARG F 15 20.77 -14.86 -9.61
N LYS F 16 20.02 -13.82 -9.29
CA LYS F 16 20.25 -12.52 -9.93
C LYS F 16 20.53 -11.54 -8.79
N SER F 17 20.79 -10.27 -9.07
CA SER F 17 21.24 -9.33 -8.03
C SER F 17 20.14 -8.35 -7.59
N VAL F 18 20.37 -7.65 -6.48
CA VAL F 18 19.43 -6.63 -6.00
C VAL F 18 20.22 -5.55 -5.23
N THR F 19 19.69 -4.33 -5.11
CA THR F 19 20.33 -3.30 -4.28
C THR F 19 19.35 -2.67 -3.27
N ILE F 20 19.85 -2.39 -2.07
CA ILE F 20 19.06 -1.77 -1.00
C ILE F 20 19.58 -0.37 -0.66
N SER F 21 18.84 0.66 -1.02
CA SER F 21 19.31 2.01 -0.78
C SER F 21 19.08 2.41 0.68
N CYS F 22 19.80 3.43 1.09
CA CYS F 22 19.69 3.97 2.44
C CYS F 22 19.92 5.46 2.34
N SER F 23 18.87 6.25 2.52
CA SER F 23 19.00 7.71 2.53
C SER F 23 19.19 8.22 3.96
N GLY F 24 20.30 8.92 4.20
CA GLY F 24 20.60 9.44 5.52
C GLY F 24 20.53 10.95 5.54
N GLY F 25 21.16 11.56 6.53
CA GLY F 25 21.19 13.01 6.66
C GLY F 25 22.62 13.52 6.71
N SER F 26 22.81 14.74 7.20
CA SER F 26 24.16 15.29 7.21
C SER F 26 24.98 14.82 8.43
N SER F 27 24.32 14.49 9.54
CA SER F 27 25.03 14.02 10.75
C SER F 27 25.04 12.50 10.86
N ASN F 28 24.51 11.84 9.85
CA ASN F 28 24.34 10.39 9.82
C ASN F 28 25.40 9.72 8.95
N ILE F 29 24.94 9.33 7.76
CA ILE F 29 25.76 8.75 6.71
C ILE F 29 26.77 9.77 6.20
N GLY F 30 26.38 11.05 6.24
CA GLY F 30 27.23 12.12 5.74
C GLY F 30 28.48 12.44 6.53
N ASP F 31 28.67 11.83 7.69
CA ASP F 31 29.87 12.10 8.51
C ASP F 31 30.59 10.85 9.06
N ASP F 32 29.91 9.71 9.20
CA ASP F 32 30.66 8.50 9.51
C ASP F 32 30.14 7.27 8.76
N SER F 33 30.45 6.09 9.27
CA SER F 33 30.32 4.84 8.52
C SER F 33 28.94 4.23 8.53
N VAL F 34 28.64 3.47 7.48
CA VAL F 34 27.39 2.74 7.42
C VAL F 34 27.68 1.28 7.65
N SER F 35 26.93 0.69 8.59
CA SER F 35 26.96 -0.72 8.81
C SER F 35 25.72 -1.34 8.19
N TRP F 36 25.79 -2.62 7.79
CA TRP F 36 24.62 -3.34 7.26
C TRP F 36 24.31 -4.60 8.03
N TYR F 37 23.06 -4.75 8.40
CA TYR F 37 22.65 -5.93 9.16
C TYR F 37 21.65 -6.83 8.42
N GLN F 38 21.65 -8.10 8.81
CA GLN F 38 20.72 -9.09 8.28
C GLN F 38 19.99 -9.73 9.45
N GLN F 39 18.66 -9.66 9.42
CA GLN F 39 17.89 -10.33 10.45
C GLN F 39 16.81 -11.20 9.86
N VAL F 40 16.76 -12.46 10.31
CA VAL F 40 15.63 -13.36 10.08
C VAL F 40 14.65 -13.30 11.26
N PRO F 41 13.46 -12.71 11.06
CA PRO F 41 12.47 -12.45 12.11
C PRO F 41 12.34 -13.57 13.11
N GLY F 42 12.67 -13.28 14.37
CA GLY F 42 12.57 -14.26 15.44
C GLY F 42 13.93 -14.75 15.92
N THR F 43 14.97 -14.28 15.26
CA THR F 43 16.33 -14.64 15.64
C THR F 43 17.22 -13.39 15.69
N ALA F 44 18.39 -13.50 16.32
CA ALA F 44 19.26 -12.33 16.44
C ALA F 44 19.71 -11.81 15.08
N PRO F 45 19.83 -10.49 14.96
CA PRO F 45 20.48 -9.85 13.80
C PRO F 45 21.96 -10.23 13.70
N LYS F 46 22.49 -10.14 12.49
CA LYS F 46 23.86 -10.54 12.21
C LYS F 46 24.51 -9.43 11.39
N LEU F 47 25.77 -9.12 11.71
CA LEU F 47 26.52 -8.11 10.96
C LEU F 47 26.98 -8.66 9.62
N LEU F 48 26.84 -7.83 8.58
CA LEU F 48 27.35 -8.15 7.24
C LEU F 48 28.44 -7.19 6.75
N ILE F 49 28.11 -5.90 6.76
CA ILE F 49 29.03 -4.87 6.28
C ILE F 49 29.24 -3.83 7.39
N TYR F 50 30.50 -3.38 7.51
CA TYR F 50 30.87 -2.27 8.38
C TYR F 50 31.87 -1.35 7.67
N TYR F 51 31.96 -0.10 8.15
CA TYR F 51 32.82 0.92 7.54
C TYR F 51 32.55 1.02 6.03
N ASN F 52 31.27 1.17 5.70
CA ASN F 52 30.79 1.39 4.33
C ASN F 52 30.91 0.21 3.40
N ASP F 53 32.09 -0.44 3.38
CA ASP F 53 32.36 -1.45 2.37
C ASP F 53 32.96 -2.78 2.87
N ARG F 54 33.32 -2.86 4.15
CA ARG F 54 34.04 -4.03 4.65
C ARG F 54 33.11 -5.17 5.11
N ARG F 55 33.57 -6.41 4.93
CA ARG F 55 32.76 -7.57 5.28
C ARG F 55 33.05 -8.15 6.66
N ALA F 56 31.99 -8.32 7.46
CA ALA F 56 32.07 -9.04 8.74
C ALA F 56 32.79 -10.36 8.56
N SER F 57 33.46 -10.81 9.62
CA SER F 57 34.12 -12.11 9.57
C SER F 57 33.10 -13.19 9.21
N GLY F 58 33.50 -14.12 8.34
CA GLY F 58 32.63 -15.18 7.85
C GLY F 58 31.38 -14.70 7.15
N VAL F 59 31.55 -14.09 5.98
CA VAL F 59 30.43 -13.54 5.20
C VAL F 59 30.74 -13.64 3.70
N SER F 60 29.82 -14.26 2.95
CA SER F 60 29.98 -14.51 1.52
C SER F 60 30.33 -13.25 0.73
N ASP F 61 31.09 -13.44 -0.34
CA ASP F 61 31.55 -12.31 -1.15
C ASP F 61 30.40 -11.66 -1.92
N ARG F 62 29.26 -12.33 -1.95
CA ARG F 62 28.09 -11.88 -2.70
C ARG F 62 27.49 -10.57 -2.17
N PHE F 63 28.00 -10.12 -1.02
CA PHE F 63 27.55 -8.88 -0.37
C PHE F 63 28.60 -7.80 -0.49
N SER F 64 28.19 -6.62 -0.96
CA SER F 64 29.07 -5.47 -1.04
C SER F 64 28.36 -4.24 -0.49
N GLY F 65 29.13 -3.24 -0.03
CA GLY F 65 28.54 -2.01 0.44
C GLY F 65 29.17 -0.77 -0.16
N SER F 66 28.33 0.21 -0.52
CA SER F 66 28.82 1.51 -1.04
C SER F 66 28.20 2.70 -0.29
N LYS F 67 28.75 3.88 -0.52
CA LYS F 67 28.32 5.11 0.14
C LYS F 67 28.69 6.39 -0.63
N SER F 68 27.67 7.19 -0.95
CA SER F 68 27.85 8.48 -1.60
C SER F 68 27.00 9.56 -0.93
N GLY F 69 27.65 10.56 -0.34
CA GLY F 69 26.95 11.64 0.35
C GLY F 69 26.10 11.19 1.53
N THR F 70 24.80 11.40 1.44
CA THR F 70 23.84 11.00 2.48
C THR F 70 23.23 9.65 2.11
N SER F 71 23.70 9.09 1.00
CA SER F 71 23.20 7.81 0.53
C SER F 71 24.17 6.66 0.85
N ALA F 72 23.62 5.46 0.84
CA ALA F 72 24.41 4.24 0.92
C ALA F 72 23.59 3.16 0.26
N SER F 73 24.25 2.09 -0.15
CA SER F 73 23.52 0.93 -0.64
C SER F 73 24.24 -0.36 -0.33
N LEU F 74 23.45 -1.41 -0.11
CA LEU F 74 23.93 -2.79 -0.02
C LEU F 74 23.50 -3.57 -1.26
N ALA F 75 24.44 -4.25 -1.92
CA ALA F 75 24.17 -5.13 -3.07
C ALA F 75 24.29 -6.60 -2.70
N ILE F 76 23.54 -7.44 -3.40
CA ILE F 76 23.61 -8.88 -3.22
C ILE F 76 23.56 -9.60 -4.56
N ASN F 77 24.69 -10.15 -5.02
CA ASN F 77 24.66 -10.93 -6.27
C ASN F 77 24.57 -12.43 -5.99
N GLY F 78 24.07 -13.17 -6.97
CA GLY F 78 23.91 -14.61 -6.81
C GLY F 78 22.99 -14.97 -5.65
N LEU F 79 21.83 -14.31 -5.61
CA LEU F 79 20.79 -14.53 -4.58
C LEU F 79 20.45 -16.00 -4.36
N GLN F 80 20.62 -16.42 -3.10
CA GLN F 80 20.26 -17.75 -2.66
C GLN F 80 19.07 -17.66 -1.70
N SER F 81 18.54 -18.82 -1.34
CA SER F 81 17.33 -18.92 -0.54
C SER F 81 17.55 -18.47 0.90
N GLU F 82 18.80 -18.51 1.34
CA GLU F 82 19.21 -18.11 2.69
C GLU F 82 19.27 -16.59 2.86
N ASP F 83 19.13 -15.86 1.75
CA ASP F 83 19.29 -14.42 1.77
C ASP F 83 17.96 -13.69 1.86
N GLU F 84 16.87 -14.42 2.03
CA GLU F 84 15.58 -13.74 2.12
C GLU F 84 15.33 -13.39 3.60
N ALA F 85 15.48 -12.10 3.87
CA ALA F 85 15.50 -11.64 5.24
C ALA F 85 15.24 -10.13 5.28
N ASP F 86 15.34 -9.55 6.48
CA ASP F 86 15.20 -8.11 6.60
C ASP F 86 16.60 -7.51 6.71
N TYR F 87 16.81 -6.39 6.03
CA TYR F 87 18.11 -5.75 6.04
C TYR F 87 18.03 -4.31 6.56
N TYR F 88 18.82 -4.04 7.59
CA TYR F 88 18.92 -2.75 8.25
C TYR F 88 20.30 -2.15 8.07
N CYS F 89 20.34 -0.90 7.62
CA CYS F 89 21.60 -0.15 7.66
C CYS F 89 21.66 0.58 9.00
N ALA F 90 22.84 1.03 9.39
CA ALA F 90 23.00 1.71 10.65
C ALA F 90 24.14 2.72 10.60
N ALA F 91 24.06 3.78 11.40
CA ALA F 91 25.11 4.81 11.42
C ALA F 91 25.03 5.65 12.68
N TRP F 92 26.19 6.11 13.13
CA TRP F 92 26.21 7.01 14.27
C TRP F 92 25.71 8.40 13.86
N ASP F 93 24.79 8.96 14.64
CA ASP F 93 24.30 10.31 14.37
C ASP F 93 24.97 11.31 15.31
N ASP F 94 25.50 12.37 14.72
CA ASP F 94 26.28 13.38 15.44
C ASP F 94 25.46 14.26 16.39
N SER F 95 24.28 14.72 15.97
CA SER F 95 23.53 15.65 16.81
C SER F 95 22.60 14.93 17.80
N LEU F 96 21.99 13.83 17.35
CA LEU F 96 21.13 13.00 18.19
C LEU F 96 21.95 12.25 19.24
N SER F 97 23.23 12.06 18.94
CA SER F 97 24.19 11.32 19.78
C SER F 97 23.68 9.90 20.09
N ALA F 98 23.53 9.09 19.05
CA ALA F 98 22.96 7.77 19.16
C ALA F 98 23.29 6.88 17.96
N TYR F 99 23.14 5.58 18.10
CA TYR F 99 23.33 4.71 16.95
C TYR F 99 21.97 4.49 16.30
N ILE F 100 21.84 4.95 15.06
CA ILE F 100 20.57 4.90 14.37
C ILE F 100 20.51 3.76 13.37
N PHE F 101 19.42 2.99 13.41
CA PHE F 101 19.14 1.99 12.39
C PHE F 101 18.10 2.46 11.36
N GLY F 102 18.22 1.99 10.12
CA GLY F 102 17.22 2.27 9.09
C GLY F 102 15.89 1.61 9.40
N SER F 103 14.86 2.01 8.66
CA SER F 103 13.50 1.49 8.85
C SER F 103 13.35 0.02 8.43
N GLY F 104 14.29 -0.49 7.62
CA GLY F 104 14.41 -1.91 7.39
C GLY F 104 13.82 -2.38 6.07
N THR F 105 14.54 -3.25 5.38
CA THR F 105 14.03 -3.74 4.11
C THR F 105 13.83 -5.25 4.06
N ARG F 106 12.57 -5.67 3.97
CA ARG F 106 12.28 -7.09 3.78
C ARG F 106 12.54 -7.47 2.33
N LEU F 107 13.46 -8.42 2.12
CA LEU F 107 13.77 -8.89 0.76
C LEU F 107 13.10 -10.24 0.47
N THR F 108 12.26 -10.27 -0.55
CA THR F 108 11.68 -11.53 -0.98
C THR F 108 12.44 -12.04 -2.21
N VAL F 109 12.86 -13.30 -2.17
CA VAL F 109 13.63 -13.91 -3.27
C VAL F 109 12.72 -14.71 -4.22
N LEU F 110 12.45 -14.13 -5.38
CA LEU F 110 11.52 -14.70 -6.35
C LEU F 110 12.14 -15.89 -7.08
N GLY F 111 11.30 -16.64 -7.79
CA GLY F 111 11.76 -17.75 -8.61
C GLY F 111 12.14 -19.03 -7.89
N GLN F 112 11.70 -19.17 -6.65
CA GLN F 112 12.02 -20.37 -5.87
C GLN F 112 11.04 -21.49 -6.16
N PRO F 113 11.47 -22.74 -5.91
CA PRO F 113 10.58 -23.90 -6.08
C PRO F 113 9.38 -23.84 -5.15
N LYS F 114 8.19 -24.00 -5.68
CA LYS F 114 7.00 -24.11 -4.84
C LYS F 114 7.14 -25.37 -3.98
N ALA F 115 6.62 -25.30 -2.76
CA ALA F 115 6.74 -26.39 -1.81
C ALA F 115 5.40 -26.58 -1.06
N SER F 116 4.87 -27.79 -1.11
CA SER F 116 3.55 -28.04 -0.55
C SER F 116 3.66 -28.39 0.93
N PRO F 117 2.66 -27.96 1.72
CA PRO F 117 2.69 -28.17 3.16
C PRO F 117 2.55 -29.61 3.61
N THR F 118 3.35 -29.96 4.61
CA THR F 118 3.08 -31.16 5.39
C THR F 118 2.10 -30.74 6.48
N VAL F 119 1.13 -31.61 6.75
CA VAL F 119 0.14 -31.29 7.75
C VAL F 119 0.00 -32.41 8.77
N THR F 120 0.18 -32.08 10.04
CA THR F 120 -0.14 -33.03 11.10
C THR F 120 -1.32 -32.45 11.86
N LEU F 121 -2.26 -33.30 12.23
CA LEU F 121 -3.44 -32.85 12.96
C LEU F 121 -3.72 -33.77 14.16
N PHE F 122 -3.51 -33.25 15.37
CA PHE F 122 -3.70 -34.06 16.59
C PHE F 122 -5.06 -33.86 17.24
N PRO F 123 -5.68 -34.95 17.72
CA PRO F 123 -6.92 -34.86 18.49
C PRO F 123 -6.66 -34.42 19.95
N PRO F 124 -7.70 -34.00 20.67
CA PRO F 124 -7.46 -33.66 22.08
C PRO F 124 -6.97 -34.88 22.83
N SER F 125 -6.11 -34.70 23.83
CA SER F 125 -5.73 -35.78 24.74
C SER F 125 -6.88 -36.19 25.66
N SER F 126 -6.75 -37.29 26.39
CA SER F 126 -7.76 -37.62 27.37
C SER F 126 -7.51 -36.81 28.64
N GLU F 127 -6.26 -36.43 28.87
CA GLU F 127 -5.91 -35.54 29.99
C GLU F 127 -6.68 -34.24 29.88
N GLU F 128 -6.79 -33.76 28.64
CA GLU F 128 -7.49 -32.54 28.37
C GLU F 128 -9.01 -32.66 28.52
N LEU F 129 -9.55 -33.78 28.06
CA LEU F 129 -11.00 -33.95 28.13
C LEU F 129 -11.46 -34.07 29.59
N GLN F 130 -10.61 -34.67 30.43
CA GLN F 130 -10.88 -34.80 31.86
C GLN F 130 -11.05 -33.42 32.48
N ALA F 131 -10.45 -32.44 31.83
CA ALA F 131 -10.52 -31.08 32.31
C ALA F 131 -11.47 -30.27 31.43
N ASN F 132 -12.69 -30.78 31.23
CA ASN F 132 -13.78 -29.99 30.64
C ASN F 132 -13.58 -29.55 29.18
N LYS F 133 -12.36 -29.67 28.65
CA LYS F 133 -11.99 -28.96 27.42
C LYS F 133 -11.35 -29.85 26.34
N ALA F 134 -11.26 -29.32 25.12
CA ALA F 134 -10.70 -30.04 23.96
C ALA F 134 -10.08 -29.12 22.92
N THR F 135 -8.79 -29.32 22.62
CA THR F 135 -8.08 -28.52 21.62
C THR F 135 -7.61 -29.37 20.45
N LEU F 136 -8.04 -29.03 19.24
CA LEU F 136 -7.52 -29.69 18.04
C LEU F 136 -6.36 -28.91 17.47
N VAL F 137 -5.21 -29.57 17.34
CA VAL F 137 -4.01 -28.90 16.85
C VAL F 137 -3.68 -29.30 15.41
N CYS F 138 -3.53 -28.29 14.54
CA CYS F 138 -3.16 -28.51 13.14
C CYS F 138 -1.82 -27.89 12.81
N LEU F 139 -0.83 -28.75 12.56
CA LEU F 139 0.54 -28.30 12.38
C LEU F 139 0.95 -28.28 10.92
N ILE F 140 1.40 -27.13 10.46
CA ILE F 140 1.68 -26.95 9.04
C ILE F 140 3.14 -26.62 8.77
N SER F 141 3.84 -27.46 8.00
CA SER F 141 5.25 -27.15 7.77
C SER F 141 5.78 -27.37 6.35
N ASP F 142 7.01 -26.90 6.15
CA ASP F 142 7.82 -27.20 4.98
C ASP F 142 7.20 -26.70 3.69
N PHE F 143 6.54 -25.56 3.75
CA PHE F 143 5.93 -25.02 2.55
C PHE F 143 6.54 -23.66 2.15
N TYR F 144 6.40 -23.32 0.86
CA TYR F 144 6.84 -22.06 0.29
C TYR F 144 6.09 -21.81 -1.01
N PRO F 145 5.62 -20.57 -1.26
CA PRO F 145 5.75 -19.33 -0.49
C PRO F 145 5.00 -19.38 0.83
N GLY F 146 5.36 -18.52 1.77
CA GLY F 146 4.78 -18.54 3.09
C GLY F 146 3.42 -17.89 3.20
N VAL F 147 2.44 -18.39 2.45
CA VAL F 147 1.05 -17.93 2.55
C VAL F 147 0.07 -19.11 2.50
N VAL F 148 -0.72 -19.30 3.57
CA VAL F 148 -1.76 -20.34 3.58
C VAL F 148 -3.08 -19.87 4.16
N LYS F 149 -4.17 -20.49 3.71
CA LYS F 149 -5.47 -20.32 4.36
C LYS F 149 -5.85 -21.65 5.03
N VAL F 150 -6.30 -21.56 6.27
CA VAL F 150 -6.73 -22.73 7.00
C VAL F 150 -8.21 -22.66 7.20
N ALA F 151 -8.93 -23.69 6.80
CA ALA F 151 -10.35 -23.76 7.12
C ALA F 151 -10.62 -25.05 7.89
N TRP F 152 -11.51 -24.96 8.87
CA TRP F 152 -11.87 -26.14 9.65
C TRP F 152 -13.29 -26.53 9.32
N LYS F 153 -13.52 -27.83 9.14
CA LYS F 153 -14.89 -28.32 8.91
C LYS F 153 -15.24 -29.34 9.98
N ALA F 154 -16.48 -29.33 10.42
CA ALA F 154 -17.05 -30.40 11.23
C ALA F 154 -18.19 -31.00 10.44
N ASP F 155 -17.96 -32.21 9.90
CA ASP F 155 -18.93 -32.98 9.13
C ASP F 155 -19.24 -32.37 7.77
N GLY F 156 -18.35 -31.53 7.29
CA GLY F 156 -18.55 -30.85 6.02
C GLY F 156 -19.30 -29.56 6.25
N SER F 157 -19.36 -29.14 7.50
CA SER F 157 -19.93 -27.85 7.88
C SER F 157 -18.82 -26.97 8.45
N ALA F 158 -18.78 -25.71 8.02
CA ALA F 158 -17.74 -24.77 8.43
C ALA F 158 -17.87 -24.43 9.93
N VAL F 159 -16.77 -24.01 10.56
CA VAL F 159 -16.75 -23.92 12.02
C VAL F 159 -16.50 -22.55 12.66
N ASN F 160 -16.53 -21.47 11.88
CA ASN F 160 -16.43 -20.11 12.41
C ASN F 160 -15.47 -19.87 13.60
N ALA F 161 -15.93 -20.11 14.83
CA ALA F 161 -15.16 -19.78 16.02
C ALA F 161 -14.44 -20.97 16.66
N GLY F 162 -13.58 -20.65 17.64
CA GLY F 162 -12.71 -21.62 18.26
C GLY F 162 -11.37 -21.59 17.56
N VAL F 163 -11.35 -20.99 16.37
CA VAL F 163 -10.17 -20.99 15.52
C VAL F 163 -9.18 -19.87 15.77
N GLU F 164 -7.93 -20.23 16.03
CA GLU F 164 -6.84 -19.27 16.02
C GLU F 164 -5.70 -19.83 15.16
N THR F 165 -5.17 -18.97 14.30
CA THR F 165 -4.25 -19.38 13.27
C THR F 165 -3.04 -18.45 13.23
N THR F 166 -1.88 -19.03 13.00
CA THR F 166 -0.60 -18.36 13.12
C THR F 166 -0.24 -17.63 11.82
N THR F 167 0.58 -16.59 11.93
CA THR F 167 1.17 -15.99 10.75
C THR F 167 2.42 -16.77 10.37
N PRO F 168 2.56 -17.10 9.08
CA PRO F 168 3.67 -17.93 8.58
C PRO F 168 5.05 -17.40 9.00
N SER F 169 5.92 -18.32 9.39
CA SER F 169 7.21 -17.95 9.96
C SER F 169 8.32 -18.82 9.35
N LYS F 170 9.46 -18.18 9.05
CA LYS F 170 10.60 -18.86 8.47
C LYS F 170 11.09 -19.99 9.37
N GLN F 171 11.10 -21.21 8.86
CA GLN F 171 11.80 -22.27 9.57
C GLN F 171 13.25 -22.25 9.07
N SER F 172 14.08 -23.18 9.54
CA SER F 172 15.52 -23.07 9.35
C SER F 172 16.02 -23.66 8.04
N ASN F 173 15.14 -23.82 7.06
CA ASN F 173 15.54 -24.34 5.76
C ASN F 173 14.83 -23.67 4.58
N ASN F 174 14.78 -22.32 4.60
CA ASN F 174 14.18 -21.54 3.51
C ASN F 174 12.64 -21.63 3.50
N LYS F 175 12.08 -22.80 3.86
CA LYS F 175 10.64 -23.00 3.81
C LYS F 175 9.91 -22.44 5.05
N TYR F 176 8.58 -22.54 5.08
CA TYR F 176 7.74 -21.91 6.09
C TYR F 176 6.92 -22.87 6.94
N ALA F 177 6.30 -22.33 7.98
CA ALA F 177 5.53 -23.14 8.94
C ALA F 177 4.50 -22.31 9.74
N ALA F 178 3.37 -22.94 10.03
CA ALA F 178 2.33 -22.30 10.80
C ALA F 178 1.50 -23.31 11.61
N SER F 179 0.58 -22.78 12.43
CA SER F 179 -0.23 -23.59 13.34
C SER F 179 -1.67 -23.11 13.31
N SER F 180 -2.62 -24.01 13.51
CA SER F 180 -4.00 -23.58 13.69
C SER F 180 -4.65 -24.40 14.79
N TYR F 181 -5.26 -23.70 15.73
CA TYR F 181 -5.87 -24.32 16.90
C TYR F 181 -7.36 -24.13 16.83
N LEU F 182 -8.10 -25.18 17.15
CA LEU F 182 -9.55 -25.09 17.22
C LEU F 182 -9.98 -25.52 18.61
N SER F 183 -10.46 -24.54 19.38
CA SER F 183 -10.83 -24.74 20.78
C SER F 183 -12.30 -25.12 20.94
N LEU F 184 -12.55 -26.28 21.54
CA LEU F 184 -13.90 -26.76 21.81
C LEU F 184 -14.05 -27.14 23.28
N THR F 185 -15.24 -27.62 23.63
CA THR F 185 -15.52 -28.16 24.96
C THR F 185 -15.56 -29.68 24.93
N SER F 186 -15.67 -30.31 26.10
CA SER F 186 -15.87 -31.75 26.18
C SER F 186 -16.99 -32.13 25.23
N ASP F 187 -18.21 -31.72 25.60
CA ASP F 187 -19.43 -32.11 24.89
C ASP F 187 -19.43 -31.77 23.40
N GLN F 188 -18.82 -30.64 23.04
CA GLN F 188 -18.75 -30.24 21.63
C GLN F 188 -17.97 -31.23 20.80
N TRP F 189 -16.79 -31.57 21.29
CA TRP F 189 -15.94 -32.58 20.68
C TRP F 189 -16.73 -33.87 20.43
N LYS F 190 -17.61 -34.23 21.37
CA LYS F 190 -18.38 -35.47 21.27
C LYS F 190 -19.71 -35.29 20.54
N SER F 191 -20.14 -34.05 20.35
CA SER F 191 -21.38 -33.79 19.59
C SER F 191 -21.22 -34.26 18.15
N HIS F 192 -20.33 -33.62 17.40
CA HIS F 192 -20.04 -33.99 16.01
C HIS F 192 -19.24 -35.27 15.90
N LYS F 193 -19.22 -35.85 14.71
CA LYS F 193 -18.57 -37.14 14.46
C LYS F 193 -17.13 -37.00 13.95
N SER F 194 -16.90 -36.11 12.99
CA SER F 194 -15.57 -35.94 12.41
C SER F 194 -15.22 -34.49 12.13
N TYR F 195 -14.11 -34.04 12.71
CA TYR F 195 -13.59 -32.72 12.38
C TYR F 195 -12.50 -32.85 11.33
N SER F 196 -12.18 -31.73 10.68
CA SER F 196 -11.24 -31.73 9.57
C SER F 196 -10.49 -30.40 9.43
N CYS F 197 -9.19 -30.49 9.19
CA CYS F 197 -8.34 -29.30 9.06
C CYS F 197 -7.84 -29.21 7.62
N GLN F 198 -8.05 -28.05 6.99
CA GLN F 198 -7.86 -27.95 5.56
C GLN F 198 -6.99 -26.77 5.17
N VAL F 199 -5.82 -27.09 4.65
CA VAL F 199 -4.83 -26.08 4.32
C VAL F 199 -4.74 -25.83 2.82
N THR F 200 -4.89 -24.57 2.42
CA THR F 200 -4.71 -24.27 1.01
C THR F 200 -3.44 -23.45 0.78
N HIS F 201 -2.74 -23.83 -0.27
CA HIS F 201 -1.44 -23.30 -0.62
C HIS F 201 -1.25 -23.53 -2.12
N GLU F 202 -0.77 -22.53 -2.86
CA GLU F 202 -0.91 -22.51 -4.32
C GLU F 202 -2.42 -22.54 -4.47
N GLY F 203 -2.95 -23.28 -5.44
CA GLY F 203 -4.37 -23.58 -5.45
C GLY F 203 -4.62 -25.01 -5.02
N SER F 204 -3.73 -25.55 -4.21
CA SER F 204 -3.80 -26.95 -3.83
C SER F 204 -4.07 -27.12 -2.35
N THR F 205 -5.16 -27.80 -2.04
CA THR F 205 -5.56 -28.03 -0.65
C THR F 205 -5.12 -29.39 -0.14
N VAL F 206 -4.62 -29.41 1.08
CA VAL F 206 -4.27 -30.64 1.79
C VAL F 206 -5.14 -30.79 3.04
N GLU F 207 -5.90 -31.88 3.15
CA GLU F 207 -6.75 -32.09 4.32
C GLU F 207 -6.29 -33.26 5.22
N LYS F 208 -6.41 -33.05 6.54
CA LYS F 208 -6.24 -34.13 7.51
C LYS F 208 -7.52 -34.23 8.36
N THR F 209 -7.87 -35.45 8.76
CA THR F 209 -9.05 -35.66 9.62
C THR F 209 -8.74 -36.36 10.95
N VAL F 210 -9.57 -36.09 11.96
CA VAL F 210 -9.52 -36.82 13.23
C VAL F 210 -10.93 -37.10 13.70
N ALA F 211 -11.06 -38.07 14.60
CA ALA F 211 -12.36 -38.49 15.10
C ALA F 211 -12.26 -39.10 16.50
N PRO F 212 -13.27 -38.84 17.35
CA PRO F 212 -13.43 -39.50 18.65
C PRO F 212 -13.44 -41.03 18.56
P PO4 G . 10.71 -7.52 -27.56
O1 PO4 G . 10.34 -8.14 -28.89
O2 PO4 G . 11.64 -6.34 -27.78
O3 PO4 G . 9.45 -7.05 -26.88
O4 PO4 G . 11.39 -8.55 -26.70
P PO4 H . 37.39 7.21 22.82
O1 PO4 H . 37.60 7.98 21.53
O2 PO4 H . 36.83 5.83 22.51
O3 PO4 H . 36.42 7.96 23.70
O4 PO4 H . 38.71 7.07 23.53
#